data_3GXT
#
_entry.id   3GXT
#
_cell.length_a   89.610
_cell.length_b   89.610
_cell.length_c   216.640
_cell.angle_alpha   90.000
_cell.angle_beta   90.000
_cell.angle_gamma   120.000
#
_symmetry.space_group_name_H-M   'P 32 2 1'
#
loop_
_entity.id
_entity.type
_entity.pdbx_description
1 polymer 'Alpha-galactosidase A'
2 branched 2-acetamido-2-deoxy-beta-D-glucopyranose-(1-4)-2-acetamido-2-deoxy-beta-D-glucopyranose
3 branched alpha-D-mannopyranose-(1-3)-alpha-D-mannopyranose
4 branched alpha-D-mannopyranose-(1-3)-alpha-D-mannopyranose-(1-4)-2-acetamido-2-deoxy-beta-D-glucopyranose-(1-4)-2-acetamido-2-deoxy-beta-D-glucopyranose
5 branched alpha-D-mannopyranose-(1-4)-2-acetamido-2-deoxy-beta-D-glucopyranose-(1-4)-2-acetamido-2-deoxy-beta-D-glucopyranose
6 non-polymer 'SULFATE ION'
7 non-polymer 1-DEOXYNOJIRIMYCIN
8 non-polymer 2-acetamido-2-deoxy-beta-D-glucopyranose
9 water water
#
_entity_poly.entity_id   1
_entity_poly.type   'polypeptide(L)'
_entity_poly.pdbx_seq_one_letter_code
;LDNGLARTPTMGWLHWERFMCNLDCQEEPDSCISEKLFMEMAELMVSEGWKDAGYEYLCIDDCWMAPQRDSEGRLQADPQ
RFPHGIRQLANYVHSKGLKLGIYADVGNKTCAGFPGSFGYYDIDAQTFADWGVDLLKFDGCYCDSLENLADGYKHMSLAL
NRTGRSIVYSCEWPLYMWPFQKPNYTEIRQYCNHWRNFADIDDSWKSIKSILDWTSFNQERIVDVAGPGGWNDPDMLVIG
NFGLSWNQQVTQMALWAIMAAPLFMSNDLRHISPQAKALLQDKDVIAINQDPLGKQGYQLRQGDNFEVWERPLSGLAWAV
AMINRQEIGGPRSYTIAVASLGKGVACNPACFITQLLPVKRKLGFYEWTSRLRSHINPTGTVLLQLENTMQMSLKDLL
;
_entity_poly.pdbx_strand_id   A,B
#
# COMPACT_ATOMS: atom_id res chain seq x y z
N LEU A 1 -17.83 -28.83 -11.27
CA LEU A 1 -19.28 -29.07 -11.49
C LEU A 1 -19.64 -29.13 -12.98
N ASP A 2 -20.00 -30.33 -13.43
CA ASP A 2 -20.47 -30.59 -14.79
C ASP A 2 -21.84 -29.97 -15.07
N ASN A 3 -21.94 -28.63 -15.03
CA ASN A 3 -23.22 -27.98 -15.31
C ASN A 3 -23.27 -27.05 -16.53
N GLY A 4 -22.26 -27.12 -17.38
CA GLY A 4 -22.26 -26.28 -18.57
C GLY A 4 -21.75 -24.88 -18.33
N LEU A 5 -21.64 -24.52 -17.03
CA LEU A 5 -21.27 -23.17 -16.56
C LEU A 5 -19.79 -22.95 -16.14
N ALA A 6 -19.35 -21.71 -15.98
CA ALA A 6 -17.95 -21.40 -15.63
C ALA A 6 -16.98 -22.18 -16.50
N ARG A 7 -17.24 -22.22 -17.78
CA ARG A 7 -16.31 -22.89 -18.65
C ARG A 7 -14.94 -22.16 -18.66
N THR A 8 -14.96 -20.85 -18.47
CA THR A 8 -13.77 -20.08 -18.09
C THR A 8 -14.21 -19.37 -16.81
N PRO A 9 -13.27 -18.87 -15.97
CA PRO A 9 -13.62 -18.39 -14.62
C PRO A 9 -14.57 -17.19 -14.67
N THR A 10 -15.62 -17.23 -13.82
CA THR A 10 -16.68 -16.26 -13.77
C THR A 10 -16.13 -14.84 -13.56
N MET A 11 -16.66 -13.88 -14.32
CA MET A 11 -16.36 -12.47 -14.08
C MET A 11 -17.63 -11.69 -13.70
N GLY A 12 -17.48 -10.75 -12.77
CA GLY A 12 -18.55 -9.80 -12.41
C GLY A 12 -18.12 -8.87 -11.28
N TRP A 13 -19.08 -8.53 -10.42
CA TRP A 13 -18.83 -7.67 -9.25
C TRP A 13 -19.62 -8.06 -7.95
N LEU A 14 -19.03 -7.77 -6.78
CA LEU A 14 -19.53 -8.26 -5.51
C LEU A 14 -19.43 -7.17 -4.38
N HIS A 15 -20.55 -6.91 -3.75
CA HIS A 15 -20.64 -5.82 -2.85
C HIS A 15 -19.68 -5.94 -1.70
N TRP A 16 -19.40 -7.15 -1.23
CA TRP A 16 -18.87 -7.32 0.13
C TRP A 16 -17.70 -6.46 0.53
N GLU A 17 -16.54 -6.71 -0.04
CA GLU A 17 -15.36 -6.07 0.53
C GLU A 17 -15.54 -4.55 0.65
N ARG A 18 -16.01 -3.90 -0.41
CA ARG A 18 -16.17 -2.46 -0.36
C ARG A 18 -17.36 -2.04 0.44
N PHE A 19 -18.51 -2.67 0.26
CA PHE A 19 -19.67 -2.14 1.00
C PHE A 19 -20.02 -2.84 2.28
N MET A 20 -19.53 -4.05 2.50
CA MET A 20 -19.80 -4.79 3.74
C MET A 20 -21.28 -4.73 4.19
N CYS A 21 -21.52 -4.81 5.50
CA CYS A 21 -22.87 -5.02 5.95
C CYS A 21 -23.46 -3.75 6.45
N ASN A 22 -23.18 -2.66 5.75
CA ASN A 22 -23.84 -1.37 6.02
C ASN A 22 -25.39 -1.29 5.79
N LEU A 23 -26.18 -1.43 6.84
CA LEU A 23 -27.64 -1.35 6.70
C LEU A 23 -28.19 -0.04 7.27
N ASP A 24 -27.36 0.99 7.36
CA ASP A 24 -27.86 2.29 7.83
C ASP A 24 -28.15 3.19 6.64
N CYS A 25 -29.40 3.19 6.17
CA CYS A 25 -29.73 3.93 4.94
C CYS A 25 -29.99 5.39 5.20
N GLN A 26 -30.31 5.67 6.47
CA GLN A 26 -30.54 7.00 6.98
C GLN A 26 -29.34 7.94 6.79
N GLU A 27 -28.17 7.58 7.33
CA GLU A 27 -27.00 8.48 7.40
C GLU A 27 -25.98 8.22 6.27
N GLU A 28 -25.92 6.97 5.81
CA GLU A 28 -25.03 6.58 4.75
C GLU A 28 -25.89 5.93 3.67
N PRO A 29 -26.60 6.75 2.87
CA PRO A 29 -27.51 6.18 1.86
C PRO A 29 -26.72 5.70 0.65
N ASP A 30 -25.61 6.38 0.34
CA ASP A 30 -24.79 6.02 -0.84
C ASP A 30 -24.09 4.71 -0.76
N SER A 31 -24.14 4.06 0.39
CA SER A 31 -23.44 2.81 0.57
C SER A 31 -24.20 1.76 1.33
N CYS A 32 -25.46 2.03 1.68
CA CYS A 32 -26.24 0.97 2.31
C CYS A 32 -26.72 0.01 1.25
N ILE A 33 -26.86 -1.25 1.64
CA ILE A 33 -27.21 -2.32 0.73
C ILE A 33 -28.66 -2.14 0.35
N SER A 34 -28.87 -1.49 -0.79
CA SER A 34 -30.20 -1.13 -1.25
C SER A 34 -30.27 -1.56 -2.66
N GLU A 35 -31.48 -1.76 -3.17
CA GLU A 35 -31.61 -2.10 -4.59
C GLU A 35 -30.97 -1.01 -5.42
N LYS A 36 -31.21 0.26 -5.09
CA LYS A 36 -30.58 1.34 -5.84
C LYS A 36 -29.05 1.22 -5.90
N LEU A 37 -28.46 0.48 -4.97
CA LEU A 37 -27.03 0.29 -5.07
C LEU A 37 -26.75 -0.55 -6.30
N PHE A 38 -27.36 -1.72 -6.33
CA PHE A 38 -27.24 -2.63 -7.47
C PHE A 38 -27.80 -2.05 -8.77
N MET A 39 -28.87 -1.27 -8.64
CA MET A 39 -29.43 -0.56 -9.76
C MET A 39 -28.38 0.34 -10.34
N GLU A 40 -27.55 0.89 -9.47
CA GLU A 40 -26.58 1.84 -9.98
C GLU A 40 -25.35 1.12 -10.52
N MET A 41 -24.81 0.19 -9.75
CA MET A 41 -23.69 -0.60 -10.27
C MET A 41 -24.02 -1.22 -11.61
N ALA A 42 -25.21 -1.83 -11.72
CA ALA A 42 -25.62 -2.43 -12.99
C ALA A 42 -25.47 -1.42 -14.11
N GLU A 43 -26.27 -0.36 -13.99
CA GLU A 43 -26.31 0.76 -14.93
C GLU A 43 -24.95 1.20 -15.43
N LEU A 44 -23.95 1.11 -14.57
CA LEU A 44 -22.60 1.54 -14.93
C LEU A 44 -21.83 0.51 -15.70
N MET A 45 -21.73 -0.71 -15.15
CA MET A 45 -21.06 -1.85 -15.80
C MET A 45 -21.28 -1.84 -17.30
N VAL A 46 -22.52 -1.57 -17.67
CA VAL A 46 -22.92 -1.33 -19.06
C VAL A 46 -22.13 -0.18 -19.69
N SER A 47 -22.31 1.03 -19.17
CA SER A 47 -21.90 2.26 -19.85
C SER A 47 -20.40 2.52 -19.82
N GLU A 48 -19.75 1.98 -18.82
CA GLU A 48 -18.34 2.23 -18.60
C GLU A 48 -17.44 1.20 -19.30
N GLY A 49 -18.08 0.23 -19.99
CA GLY A 49 -17.40 -0.84 -20.73
C GLY A 49 -17.03 -2.06 -19.91
N TRP A 50 -17.61 -2.21 -18.71
CA TRP A 50 -17.35 -3.38 -17.86
C TRP A 50 -17.91 -4.68 -18.48
N LYS A 51 -19.03 -4.57 -19.18
CA LYS A 51 -19.60 -5.74 -19.83
C LYS A 51 -18.68 -6.15 -20.95
N ASP A 52 -18.44 -5.27 -21.93
CA ASP A 52 -17.50 -5.59 -23.01
C ASP A 52 -16.24 -6.14 -22.43
N ALA A 53 -15.76 -5.65 -21.31
CA ALA A 53 -14.54 -6.28 -20.79
C ALA A 53 -14.77 -7.76 -20.50
N GLY A 54 -15.99 -8.14 -20.09
CA GLY A 54 -16.34 -9.51 -19.73
C GLY A 54 -16.91 -9.72 -18.32
N TYR A 55 -17.21 -8.63 -17.62
CA TYR A 55 -17.81 -8.72 -16.28
C TYR A 55 -19.33 -8.78 -16.47
N GLU A 56 -19.94 -9.82 -15.95
CA GLU A 56 -21.27 -10.18 -16.34
C GLU A 56 -22.15 -10.39 -15.13
N TYR A 57 -21.57 -10.75 -14.00
CA TYR A 57 -22.37 -11.15 -12.84
C TYR A 57 -22.44 -10.10 -11.72
N LEU A 58 -23.61 -9.47 -11.61
CA LEU A 58 -23.84 -8.49 -10.57
C LEU A 58 -24.31 -9.20 -9.33
N CYS A 59 -23.46 -9.22 -8.32
CA CYS A 59 -23.67 -10.14 -7.22
C CYS A 59 -23.88 -9.48 -5.90
N ILE A 60 -25.09 -9.70 -5.37
CA ILE A 60 -25.47 -9.33 -4.04
C ILE A 60 -24.73 -10.25 -3.09
N ASP A 61 -24.23 -9.71 -1.98
CA ASP A 61 -23.64 -10.57 -0.96
C ASP A 61 -24.52 -10.63 0.28
N ASP A 62 -23.93 -10.99 1.41
CA ASP A 62 -24.60 -11.06 2.69
C ASP A 62 -25.29 -9.75 3.01
N CYS A 63 -26.32 -9.84 3.86
CA CYS A 63 -27.08 -8.68 4.34
C CYS A 63 -28.13 -8.11 3.36
N TRP A 64 -28.80 -8.99 2.63
CA TRP A 64 -29.94 -8.60 1.83
C TRP A 64 -31.29 -9.16 2.34
N MET A 65 -31.26 -9.97 3.40
CA MET A 65 -32.48 -10.68 3.92
C MET A 65 -33.45 -9.89 4.80
N ALA A 66 -34.68 -10.37 4.89
CA ALA A 66 -35.49 -9.96 6.03
C ALA A 66 -35.15 -10.79 7.29
N PRO A 67 -35.23 -10.17 8.48
CA PRO A 67 -35.38 -10.82 9.79
C PRO A 67 -35.85 -12.29 9.80
N GLN A 68 -37.00 -12.61 9.21
CA GLN A 68 -37.31 -14.01 8.98
C GLN A 68 -38.04 -14.26 7.66
N ARG A 69 -38.38 -15.53 7.43
CA ARG A 69 -39.06 -15.95 6.23
C ARG A 69 -40.57 -15.63 6.23
N ASP A 70 -41.18 -15.63 5.04
CA ASP A 70 -42.64 -15.49 4.89
C ASP A 70 -43.28 -16.72 5.46
N SER A 71 -44.60 -16.82 5.35
CA SER A 71 -45.26 -18.03 5.79
C SER A 71 -46.12 -18.53 4.62
N GLU A 72 -45.69 -19.37 3.66
CA GLU A 72 -44.68 -20.48 3.62
C GLU A 72 -43.79 -20.66 4.84
N GLY A 73 -42.46 -20.52 4.80
CA GLY A 73 -41.58 -20.94 3.80
C GLY A 73 -40.33 -20.12 3.63
N ARG A 74 -40.49 -19.08 2.84
CA ARG A 74 -39.40 -18.65 2.00
C ARG A 74 -38.66 -17.39 2.47
N LEU A 75 -37.36 -17.34 2.14
CA LEU A 75 -36.55 -16.15 2.34
C LEU A 75 -37.18 -14.93 1.66
N GLN A 76 -37.15 -13.79 2.36
CA GLN A 76 -37.52 -12.50 1.78
C GLN A 76 -36.37 -11.51 1.76
N ALA A 77 -36.48 -10.56 0.84
CA ALA A 77 -35.63 -9.38 0.81
C ALA A 77 -36.01 -8.43 1.96
N ASP A 78 -35.21 -7.39 2.20
CA ASP A 78 -35.64 -6.41 3.18
C ASP A 78 -36.81 -5.59 2.62
N PRO A 79 -37.88 -5.41 3.42
CA PRO A 79 -38.97 -4.60 2.86
C PRO A 79 -38.53 -3.16 2.64
N GLN A 80 -37.63 -2.67 3.49
CA GLN A 80 -37.21 -1.27 3.42
C GLN A 80 -36.13 -1.08 2.33
N ARG A 81 -35.06 -1.87 2.37
CA ARG A 81 -33.89 -1.62 1.51
C ARG A 81 -34.01 -2.32 0.17
N PHE A 82 -34.96 -3.25 0.08
CA PHE A 82 -35.26 -3.93 -1.18
C PHE A 82 -36.77 -3.95 -1.45
N PRO A 83 -37.42 -2.79 -1.50
CA PRO A 83 -38.87 -2.79 -1.46
C PRO A 83 -39.44 -3.55 -2.63
N HIS A 84 -38.76 -3.48 -3.77
CA HIS A 84 -39.29 -4.05 -5.00
C HIS A 84 -39.08 -5.57 -5.11
N GLY A 85 -38.34 -6.16 -4.17
CA GLY A 85 -38.10 -7.60 -4.17
C GLY A 85 -37.05 -7.99 -5.19
N ILE A 86 -36.58 -9.23 -5.12
CA ILE A 86 -35.47 -9.68 -5.98
C ILE A 86 -36.03 -10.01 -7.36
N ARG A 87 -37.24 -10.55 -7.37
CA ARG A 87 -37.99 -10.78 -8.59
C ARG A 87 -37.72 -9.65 -9.60
N GLN A 88 -37.99 -8.41 -9.16
CA GLN A 88 -37.89 -7.25 -10.05
C GLN A 88 -36.44 -6.87 -10.33
N LEU A 89 -35.61 -6.98 -9.31
CA LEU A 89 -34.22 -6.62 -9.49
C LEU A 89 -33.65 -7.51 -10.59
N ALA A 90 -33.87 -8.80 -10.47
CA ALA A 90 -33.51 -9.72 -11.53
C ALA A 90 -34.00 -9.15 -12.86
N ASN A 91 -35.32 -8.98 -13.00
CA ASN A 91 -35.86 -8.51 -14.27
C ASN A 91 -35.08 -7.34 -14.86
N TYR A 92 -34.92 -6.30 -14.05
CA TYR A 92 -34.13 -5.14 -14.42
C TYR A 92 -32.72 -5.52 -14.86
N VAL A 93 -32.01 -6.25 -13.99
CA VAL A 93 -30.63 -6.60 -14.24
C VAL A 93 -30.53 -7.28 -15.59
N HIS A 94 -31.47 -8.17 -15.88
CA HIS A 94 -31.38 -8.96 -17.09
C HIS A 94 -31.52 -8.03 -18.29
N SER A 95 -32.49 -7.13 -18.21
CA SER A 95 -32.76 -6.20 -19.31
C SER A 95 -31.52 -5.41 -19.71
N LYS A 96 -30.60 -5.22 -18.77
CA LYS A 96 -29.31 -4.63 -19.09
C LYS A 96 -28.37 -5.59 -19.83
N GLY A 97 -28.73 -6.88 -19.89
CA GLY A 97 -27.86 -7.87 -20.54
C GLY A 97 -26.87 -8.40 -19.54
N LEU A 98 -27.25 -8.40 -18.26
CA LEU A 98 -26.41 -8.91 -17.19
C LEU A 98 -27.09 -10.01 -16.41
N LYS A 99 -26.32 -10.63 -15.52
CA LYS A 99 -26.77 -11.75 -14.76
C LYS A 99 -26.58 -11.43 -13.29
N LEU A 100 -27.61 -11.71 -12.49
CA LEU A 100 -27.62 -11.40 -11.06
C LEU A 100 -27.13 -12.54 -10.21
N GLY A 101 -26.27 -12.24 -9.23
CA GLY A 101 -25.95 -13.25 -8.22
C GLY A 101 -26.46 -12.89 -6.85
N ILE A 102 -26.72 -13.90 -6.04
CA ILE A 102 -27.21 -13.69 -4.68
C ILE A 102 -26.38 -14.47 -3.66
N TYR A 103 -26.73 -14.39 -2.39
CA TYR A 103 -25.96 -14.98 -1.31
C TYR A 103 -26.93 -15.74 -0.41
N ALA A 104 -26.46 -16.86 0.17
CA ALA A 104 -27.08 -17.54 1.33
C ALA A 104 -26.09 -18.42 2.13
N ASP A 105 -26.56 -18.99 3.24
CA ASP A 105 -25.67 -19.76 4.12
C ASP A 105 -26.06 -21.21 4.29
N VAL A 106 -25.06 -22.07 4.42
CA VAL A 106 -25.27 -23.47 4.73
C VAL A 106 -25.91 -23.73 6.12
N GLY A 107 -25.89 -22.73 7.00
CA GLY A 107 -26.03 -22.96 8.41
C GLY A 107 -27.42 -22.77 8.96
N ASN A 108 -27.53 -22.04 10.06
CA ASN A 108 -28.79 -21.64 10.63
C ASN A 108 -28.97 -20.14 10.49
N LYS A 109 -27.84 -19.46 10.25
CA LYS A 109 -27.80 -18.01 10.11
C LYS A 109 -26.72 -17.67 9.08
N THR A 110 -26.81 -16.53 8.40
CA THR A 110 -25.68 -16.07 7.59
C THR A 110 -24.57 -15.66 8.53
N CYS A 111 -23.37 -15.41 8.02
CA CYS A 111 -22.29 -14.86 8.83
C CYS A 111 -22.69 -13.58 9.57
N ALA A 112 -23.72 -12.87 9.09
CA ALA A 112 -24.28 -11.71 9.79
C ALA A 112 -25.35 -12.10 10.83
N GLY A 113 -26.10 -13.15 10.54
CA GLY A 113 -27.18 -13.51 11.44
C GLY A 113 -28.56 -13.64 10.83
N PHE A 114 -28.69 -13.35 9.53
CA PHE A 114 -29.96 -13.56 8.84
C PHE A 114 -30.15 -15.03 8.42
N PRO A 115 -31.41 -15.56 8.47
CA PRO A 115 -31.74 -17.00 8.30
C PRO A 115 -30.75 -17.81 7.41
N GLY A 116 -30.41 -19.00 7.87
CA GLY A 116 -29.57 -19.90 7.08
C GLY A 116 -30.41 -20.70 6.11
N SER A 117 -29.80 -21.64 5.42
CA SER A 117 -30.59 -22.34 4.43
C SER A 117 -30.96 -23.75 4.88
N PHE A 118 -30.39 -24.18 6.01
CA PHE A 118 -30.48 -25.54 6.53
C PHE A 118 -31.93 -25.94 6.79
N GLY A 119 -32.30 -27.16 6.39
CA GLY A 119 -33.67 -27.61 6.39
C GLY A 119 -34.46 -27.06 5.22
N TYR A 120 -34.06 -25.90 4.73
CA TYR A 120 -34.76 -25.20 3.67
C TYR A 120 -34.05 -25.33 2.30
N TYR A 121 -33.14 -26.30 2.18
CA TYR A 121 -32.27 -26.38 1.01
C TYR A 121 -33.05 -26.44 -0.29
N ASP A 122 -34.01 -27.38 -0.33
CA ASP A 122 -34.85 -27.63 -1.48
C ASP A 122 -35.66 -26.41 -1.83
N ILE A 123 -36.13 -25.72 -0.80
CA ILE A 123 -37.06 -24.60 -0.99
C ILE A 123 -36.31 -23.33 -1.37
N ASP A 124 -35.13 -23.13 -0.79
CA ASP A 124 -34.32 -21.95 -1.14
C ASP A 124 -33.95 -21.96 -2.61
N ALA A 125 -33.35 -23.06 -3.01
CA ALA A 125 -33.02 -23.32 -4.40
C ALA A 125 -34.13 -22.92 -5.40
N GLN A 126 -35.33 -23.42 -5.17
CA GLN A 126 -36.43 -23.16 -6.09
C GLN A 126 -36.77 -21.68 -6.02
N THR A 127 -36.86 -21.19 -4.79
CA THR A 127 -37.17 -19.81 -4.52
C THR A 127 -36.29 -18.96 -5.44
N PHE A 128 -34.98 -19.16 -5.35
CA PHE A 128 -34.04 -18.45 -6.18
C PHE A 128 -34.30 -18.63 -7.68
N ALA A 129 -34.52 -19.86 -8.08
CA ALA A 129 -34.82 -20.16 -9.47
C ALA A 129 -36.08 -19.49 -9.96
N ASP A 130 -37.07 -19.30 -9.08
CA ASP A 130 -38.26 -18.53 -9.48
C ASP A 130 -37.91 -17.07 -9.74
N TRP A 131 -36.90 -16.57 -9.02
CA TRP A 131 -36.59 -15.13 -9.05
C TRP A 131 -35.75 -14.80 -10.27
N GLY A 132 -35.07 -15.81 -10.80
CA GLY A 132 -34.22 -15.64 -11.95
C GLY A 132 -32.79 -15.43 -11.56
N VAL A 133 -32.43 -15.87 -10.36
CA VAL A 133 -31.03 -15.77 -9.91
C VAL A 133 -30.08 -16.53 -10.85
N ASP A 134 -28.91 -15.98 -11.18
CA ASP A 134 -27.96 -16.73 -12.02
C ASP A 134 -26.74 -17.19 -11.26
N LEU A 135 -26.55 -16.75 -10.03
CA LEU A 135 -25.43 -17.25 -9.21
C LEU A 135 -25.82 -17.35 -7.74
N LEU A 136 -25.16 -18.26 -7.03
CA LEU A 136 -25.30 -18.36 -5.59
C LEU A 136 -23.93 -18.40 -4.98
N LYS A 137 -23.68 -17.53 -4.03
CA LYS A 137 -22.57 -17.71 -3.12
C LYS A 137 -23.15 -18.40 -1.91
N PHE A 138 -22.65 -19.59 -1.67
CA PHE A 138 -23.11 -20.34 -0.56
C PHE A 138 -22.04 -20.28 0.51
N ASP A 139 -22.31 -19.51 1.56
CA ASP A 139 -21.40 -19.40 2.69
C ASP A 139 -21.60 -20.50 3.71
N GLY A 140 -20.55 -20.72 4.51
CA GLY A 140 -20.56 -21.76 5.58
C GLY A 140 -20.30 -21.38 7.03
N CYS A 141 -20.84 -20.25 7.47
CA CYS A 141 -21.02 -19.93 8.90
C CYS A 141 -22.06 -20.82 9.59
N TYR A 142 -22.00 -20.87 10.91
CA TYR A 142 -23.09 -21.47 11.74
C TYR A 142 -23.46 -22.93 11.47
N CYS A 143 -22.46 -23.78 11.69
CA CYS A 143 -22.46 -25.15 11.29
C CYS A 143 -21.85 -25.94 12.47
N ASP A 144 -22.62 -26.89 13.05
CA ASP A 144 -22.16 -27.73 14.18
C ASP A 144 -20.94 -28.52 13.86
N SER A 145 -21.09 -29.46 12.93
CA SER A 145 -20.04 -30.43 12.59
C SER A 145 -19.80 -30.55 11.09
N LEU A 146 -18.63 -31.08 10.73
CA LEU A 146 -18.20 -31.23 9.33
C LEU A 146 -19.19 -32.01 8.47
N GLU A 147 -19.92 -32.93 9.13
CA GLU A 147 -20.86 -33.78 8.42
C GLU A 147 -21.95 -32.91 7.83
N ASN A 148 -22.43 -31.96 8.62
CA ASN A 148 -23.48 -31.09 8.14
C ASN A 148 -23.01 -30.15 7.07
N LEU A 149 -21.73 -29.74 7.19
CA LEU A 149 -21.12 -28.88 6.20
C LEU A 149 -21.13 -29.60 4.85
N ALA A 150 -20.53 -30.79 4.86
CA ALA A 150 -20.45 -31.65 3.69
C ALA A 150 -21.82 -31.95 3.07
N ASP A 151 -22.72 -32.55 3.84
CA ASP A 151 -24.05 -32.86 3.32
C ASP A 151 -24.82 -31.64 2.86
N GLY A 152 -24.69 -30.53 3.60
CA GLY A 152 -25.39 -29.28 3.32
C GLY A 152 -24.94 -28.70 2.00
N TYR A 153 -23.62 -28.58 1.83
CA TYR A 153 -23.02 -28.13 0.56
C TYR A 153 -23.51 -28.95 -0.63
N LYS A 154 -23.43 -30.28 -0.50
CA LYS A 154 -23.77 -31.23 -1.57
C LYS A 154 -25.24 -31.10 -1.93
N HIS A 155 -26.07 -31.17 -0.89
CA HIS A 155 -27.51 -31.21 -1.00
C HIS A 155 -28.02 -30.02 -1.78
N MET A 156 -27.43 -28.86 -1.54
CA MET A 156 -27.79 -27.66 -2.27
C MET A 156 -27.47 -27.85 -3.73
N SER A 157 -26.31 -28.42 -4.02
CA SER A 157 -25.88 -28.49 -5.40
C SER A 157 -26.94 -29.25 -6.20
N LEU A 158 -27.44 -30.33 -5.64
CA LEU A 158 -28.49 -31.11 -6.31
C LEU A 158 -29.82 -30.32 -6.48
N ALA A 159 -30.13 -29.49 -5.48
CA ALA A 159 -31.42 -28.87 -5.44
C ALA A 159 -31.46 -27.85 -6.55
N LEU A 160 -30.32 -27.17 -6.74
CA LEU A 160 -30.10 -26.21 -7.83
C LEU A 160 -30.18 -26.80 -9.23
N ASN A 161 -29.57 -27.98 -9.40
CA ASN A 161 -29.55 -28.69 -10.69
C ASN A 161 -30.94 -29.05 -11.07
N ARG A 162 -31.68 -29.52 -10.07
CA ARG A 162 -33.06 -29.90 -10.22
C ARG A 162 -33.98 -28.75 -10.61
N THR A 163 -33.82 -27.58 -10.00
CA THR A 163 -34.67 -26.44 -10.36
C THR A 163 -34.90 -26.43 -11.86
N GLY A 164 -33.83 -26.71 -12.61
CA GLY A 164 -33.86 -26.69 -14.06
C GLY A 164 -33.13 -25.48 -14.57
N ARG A 165 -32.60 -24.69 -13.65
CA ARG A 165 -32.00 -23.41 -14.05
C ARG A 165 -30.47 -23.37 -14.01
N SER A 166 -29.88 -22.76 -15.03
CA SER A 166 -28.46 -22.49 -15.00
C SER A 166 -28.18 -21.54 -13.84
N ILE A 167 -27.56 -22.05 -12.76
CA ILE A 167 -27.18 -21.23 -11.61
C ILE A 167 -25.77 -21.55 -11.17
N VAL A 168 -24.86 -20.60 -11.34
CA VAL A 168 -23.45 -20.87 -11.04
C VAL A 168 -23.41 -21.03 -9.55
N TYR A 169 -22.92 -22.16 -9.08
CA TYR A 169 -22.92 -22.43 -7.66
C TYR A 169 -21.51 -22.20 -7.20
N SER A 170 -21.37 -21.24 -6.27
CA SER A 170 -20.06 -20.84 -5.66
C SER A 170 -20.06 -21.13 -4.16
N CYS A 171 -19.14 -21.99 -3.77
CA CYS A 171 -19.12 -22.61 -2.48
C CYS A 171 -17.93 -22.15 -1.65
N GLU A 172 -18.10 -22.26 -0.32
CA GLU A 172 -17.08 -21.91 0.64
C GLU A 172 -16.69 -23.10 1.49
N TRP A 173 -17.03 -24.25 0.96
CA TRP A 173 -16.69 -25.53 1.54
C TRP A 173 -15.26 -25.64 2.11
N PRO A 174 -14.22 -25.50 1.29
CA PRO A 174 -12.93 -25.83 1.86
C PRO A 174 -12.56 -24.91 3.02
N LEU A 175 -12.54 -23.60 2.73
CA LEU A 175 -12.19 -22.61 3.75
C LEU A 175 -12.66 -23.03 5.15
N TYR A 176 -13.94 -23.41 5.28
CA TYR A 176 -14.49 -23.79 6.61
C TYR A 176 -14.02 -25.14 7.08
N MET A 177 -13.98 -26.09 6.17
CA MET A 177 -13.49 -27.42 6.43
C MET A 177 -12.01 -27.38 6.89
N TRP A 178 -11.18 -26.59 6.20
CA TRP A 178 -9.75 -26.47 6.53
C TRP A 178 -9.44 -26.84 7.98
N PRO A 179 -9.92 -26.07 9.00
CA PRO A 179 -9.05 -25.72 10.12
C PRO A 179 -9.12 -27.04 10.92
N PHE A 180 -9.94 -27.97 10.41
CA PHE A 180 -10.25 -29.24 11.06
C PHE A 180 -9.59 -30.42 10.36
N GLN A 181 -9.72 -30.48 9.03
CA GLN A 181 -9.06 -31.51 8.22
C GLN A 181 -8.90 -31.05 6.79
N LYS A 182 -7.88 -31.57 6.12
CA LYS A 182 -7.73 -31.27 4.71
C LYS A 182 -9.06 -31.54 3.98
N PRO A 183 -9.40 -30.67 3.02
CA PRO A 183 -10.54 -30.91 2.14
C PRO A 183 -10.23 -31.85 0.95
N ASN A 184 -11.23 -32.64 0.57
CA ASN A 184 -11.15 -33.44 -0.66
C ASN A 184 -11.52 -32.57 -1.88
N TYR A 185 -10.50 -31.97 -2.50
CA TYR A 185 -10.76 -31.05 -3.59
C TYR A 185 -11.29 -31.78 -4.79
N THR A 186 -10.85 -33.03 -4.96
CA THR A 186 -11.41 -33.89 -5.99
C THR A 186 -12.93 -33.89 -5.83
N GLU A 187 -13.40 -34.21 -4.61
CA GLU A 187 -14.83 -34.24 -4.32
C GLU A 187 -15.47 -32.88 -4.48
N ILE A 188 -14.82 -31.83 -3.98
CA ILE A 188 -15.47 -30.54 -3.98
C ILE A 188 -15.76 -30.19 -5.41
N ARG A 189 -14.74 -30.32 -6.22
CA ARG A 189 -14.83 -30.02 -7.62
C ARG A 189 -16.12 -30.53 -8.21
N GLN A 190 -16.58 -31.67 -7.70
CA GLN A 190 -17.72 -32.39 -8.27
C GLN A 190 -19.02 -31.67 -8.10
N TYR A 191 -19.07 -30.74 -7.16
CA TYR A 191 -20.33 -30.14 -6.77
C TYR A 191 -20.37 -28.63 -6.93
N CYS A 192 -19.22 -28.00 -7.20
CA CYS A 192 -19.06 -26.57 -7.12
C CYS A 192 -18.39 -25.98 -8.34
N ASN A 193 -18.90 -24.84 -8.83
CA ASN A 193 -18.26 -24.24 -9.97
C ASN A 193 -16.99 -23.54 -9.55
N HIS A 194 -16.95 -22.97 -8.35
CA HIS A 194 -15.67 -22.56 -7.72
C HIS A 194 -15.72 -22.46 -6.22
N TRP A 195 -14.56 -22.67 -5.60
CA TRP A 195 -14.48 -22.76 -4.14
C TRP A 195 -13.53 -21.77 -3.47
N ARG A 196 -14.02 -21.13 -2.43
CA ARG A 196 -13.17 -20.27 -1.63
C ARG A 196 -12.22 -21.10 -0.72
N ASN A 197 -10.92 -20.82 -0.77
CA ASN A 197 -9.89 -21.59 -0.03
C ASN A 197 -9.35 -20.98 1.28
N PHE A 198 -8.99 -19.67 1.20
CA PHE A 198 -8.39 -18.89 2.32
C PHE A 198 -9.30 -17.81 2.91
N ALA A 199 -8.87 -17.32 4.09
CA ALA A 199 -9.36 -16.10 4.78
C ALA A 199 -9.90 -14.96 3.90
N ASP A 200 -10.87 -14.24 4.44
CA ASP A 200 -11.24 -13.01 3.76
C ASP A 200 -10.10 -12.08 3.28
N ILE A 201 -10.43 -11.25 2.29
CA ILE A 201 -9.48 -10.26 1.74
C ILE A 201 -9.76 -8.82 2.27
N ASP A 202 -8.69 -8.04 2.40
CA ASP A 202 -8.70 -6.68 2.94
C ASP A 202 -8.28 -5.69 1.92
N ASP A 203 -8.16 -4.45 2.32
CA ASP A 203 -7.63 -3.51 1.40
C ASP A 203 -6.15 -3.36 1.76
N SER A 204 -5.44 -4.49 1.83
CA SER A 204 -4.05 -4.50 2.27
C SER A 204 -3.15 -5.31 1.35
N TRP A 205 -2.01 -4.72 0.98
CA TRP A 205 -0.88 -5.46 0.39
C TRP A 205 -0.49 -6.63 1.30
N LYS A 206 -0.69 -6.48 2.61
CA LYS A 206 -0.50 -7.57 3.54
C LYS A 206 -1.35 -8.67 3.01
N SER A 207 -2.66 -8.49 3.14
CA SER A 207 -3.64 -9.55 2.86
C SER A 207 -3.33 -10.23 1.53
N ILE A 208 -3.18 -9.45 0.46
CA ILE A 208 -2.66 -10.04 -0.78
C ILE A 208 -1.47 -10.98 -0.59
N LYS A 209 -0.35 -10.45 -0.15
CA LYS A 209 0.83 -11.30 0.04
C LYS A 209 0.47 -12.65 0.67
N SER A 210 -0.25 -12.58 1.81
CA SER A 210 -0.60 -13.82 2.55
C SER A 210 -1.45 -14.79 1.71
N ILE A 211 -2.42 -14.30 0.96
CA ILE A 211 -3.12 -15.13 -0.02
C ILE A 211 -2.17 -15.80 -1.01
N LEU A 212 -1.45 -15.02 -1.85
CA LEU A 212 -0.47 -15.70 -2.73
C LEU A 212 0.41 -16.63 -1.92
N ASP A 213 1.02 -16.12 -0.84
CA ASP A 213 1.94 -16.95 -0.05
C ASP A 213 1.28 -18.27 0.40
N TRP A 214 0.01 -18.22 0.81
CA TRP A 214 -0.66 -19.41 1.30
C TRP A 214 -1.03 -20.32 0.14
N THR A 215 -1.34 -19.73 -1.01
CA THR A 215 -1.77 -20.48 -2.16
C THR A 215 -0.57 -21.22 -2.70
N SER A 216 0.47 -20.49 -3.11
CA SER A 216 1.70 -21.12 -3.55
C SER A 216 2.18 -22.17 -2.52
N PHE A 217 1.86 -22.00 -1.25
CA PHE A 217 2.35 -22.96 -0.26
C PHE A 217 1.80 -24.31 -0.48
N ASN A 218 0.51 -24.38 -0.74
CA ASN A 218 -0.08 -25.68 -0.98
C ASN A 218 -0.66 -25.76 -2.38
N GLN A 219 0.21 -25.54 -3.34
CA GLN A 219 -0.23 -25.60 -4.73
C GLN A 219 -0.26 -27.06 -5.14
N GLU A 220 0.72 -27.82 -4.64
CA GLU A 220 0.66 -29.25 -4.79
C GLU A 220 -0.78 -29.70 -4.70
N ARG A 221 -1.46 -29.33 -3.63
CA ARG A 221 -2.81 -29.84 -3.42
C ARG A 221 -3.91 -29.26 -4.35
N ILE A 222 -3.77 -28.03 -4.82
CA ILE A 222 -4.91 -27.37 -5.46
C ILE A 222 -4.81 -27.00 -6.92
N VAL A 223 -3.59 -26.85 -7.46
CA VAL A 223 -3.43 -26.37 -8.85
C VAL A 223 -3.99 -27.30 -9.89
N ASP A 224 -3.83 -28.60 -9.68
CA ASP A 224 -4.31 -29.65 -10.59
C ASP A 224 -5.85 -29.82 -10.65
N VAL A 225 -6.57 -29.80 -9.52
CA VAL A 225 -8.03 -29.86 -9.54
C VAL A 225 -8.63 -28.82 -10.52
N ALA A 226 -7.96 -27.69 -10.65
CA ALA A 226 -8.51 -26.54 -11.39
C ALA A 226 -8.60 -26.74 -12.88
N GLY A 227 -9.79 -26.49 -13.42
CA GLY A 227 -9.96 -26.44 -14.84
C GLY A 227 -11.40 -26.25 -15.15
N PRO A 228 -11.72 -25.98 -16.44
CA PRO A 228 -13.06 -25.71 -16.93
C PRO A 228 -14.10 -26.27 -16.01
N GLY A 229 -14.92 -25.40 -15.43
CA GLY A 229 -16.10 -25.81 -14.66
C GLY A 229 -15.83 -25.84 -13.18
N GLY A 230 -14.56 -25.79 -12.79
CA GLY A 230 -14.22 -25.76 -11.38
C GLY A 230 -12.92 -25.02 -11.03
N TRP A 231 -13.06 -23.87 -10.35
CA TRP A 231 -11.94 -22.97 -10.04
C TRP A 231 -11.62 -22.80 -8.57
N ASN A 232 -10.34 -22.54 -8.31
CA ASN A 232 -9.90 -22.08 -7.01
C ASN A 232 -10.21 -20.57 -6.88
N ASP A 233 -10.96 -20.23 -5.84
CA ASP A 233 -11.24 -18.82 -5.50
C ASP A 233 -10.40 -18.24 -4.34
N PRO A 234 -9.50 -17.31 -4.70
CA PRO A 234 -8.58 -16.56 -3.88
C PRO A 234 -9.18 -15.21 -3.40
N ASP A 235 -10.51 -15.10 -3.55
CA ASP A 235 -11.34 -13.94 -3.14
C ASP A 235 -11.19 -12.73 -4.08
N MET A 236 -11.90 -11.65 -3.77
CA MET A 236 -12.26 -10.55 -4.68
C MET A 236 -11.11 -9.72 -5.24
N LEU A 237 -11.33 -9.18 -6.42
CA LEU A 237 -10.51 -8.09 -6.87
C LEU A 237 -10.90 -6.82 -6.10
N VAL A 238 -9.91 -6.31 -5.35
CA VAL A 238 -10.02 -5.07 -4.57
C VAL A 238 -9.39 -3.84 -5.23
N ILE A 239 -8.91 -3.98 -6.46
CA ILE A 239 -8.27 -2.83 -7.19
C ILE A 239 -9.32 -1.77 -7.37
N GLY A 240 -8.95 -0.52 -7.19
CA GLY A 240 -9.87 0.61 -7.42
C GLY A 240 -10.16 1.31 -6.11
N ASN A 241 -10.04 0.56 -5.03
CA ASN A 241 -10.25 1.07 -3.71
C ASN A 241 -9.05 1.89 -3.19
N PHE A 242 -8.73 1.77 -1.90
CA PHE A 242 -7.81 2.70 -1.28
C PHE A 242 -6.46 2.14 -0.86
N GLY A 243 -6.46 0.85 -0.52
CA GLY A 243 -5.38 0.25 0.25
C GLY A 243 -4.12 -0.17 -0.45
N LEU A 244 -4.15 -0.30 -1.78
CA LEU A 244 -3.01 -0.76 -2.57
C LEU A 244 -2.45 0.27 -3.49
N SER A 245 -1.14 0.31 -3.61
CA SER A 245 -0.49 1.24 -4.48
C SER A 245 -0.63 0.66 -5.84
N TRP A 246 -0.29 1.44 -6.88
CA TRP A 246 -0.30 0.97 -8.27
C TRP A 246 0.37 -0.36 -8.47
N ASN A 247 1.69 -0.46 -8.31
CA ASN A 247 2.36 -1.77 -8.42
C ASN A 247 1.73 -2.86 -7.51
N GLN A 248 1.05 -2.49 -6.44
CA GLN A 248 0.30 -3.56 -5.77
C GLN A 248 -0.96 -3.97 -6.49
N GLN A 249 -1.70 -3.02 -7.03
CA GLN A 249 -2.82 -3.32 -7.90
C GLN A 249 -2.44 -4.13 -9.16
N VAL A 250 -1.30 -3.83 -9.81
CA VAL A 250 -0.88 -4.71 -10.91
C VAL A 250 -0.61 -6.12 -10.40
N THR A 251 0.21 -6.23 -9.36
CA THR A 251 0.50 -7.51 -8.79
C THR A 251 -0.82 -8.26 -8.65
N GLN A 252 -1.86 -7.63 -8.14
CA GLN A 252 -3.12 -8.37 -7.96
C GLN A 252 -3.68 -8.81 -9.26
N MET A 253 -3.67 -7.93 -10.26
CA MET A 253 -4.29 -8.28 -11.52
C MET A 253 -3.55 -9.42 -12.20
N ALA A 254 -2.24 -9.27 -12.27
CA ALA A 254 -1.43 -10.27 -12.93
C ALA A 254 -1.69 -11.59 -12.20
N LEU A 255 -1.47 -11.62 -10.89
CA LEU A 255 -1.51 -12.94 -10.29
C LEU A 255 -2.88 -13.61 -10.23
N TRP A 256 -3.94 -12.83 -10.39
CA TRP A 256 -5.30 -13.38 -10.51
C TRP A 256 -5.49 -14.05 -11.85
N ALA A 257 -4.94 -13.46 -12.88
CA ALA A 257 -4.92 -14.10 -14.19
C ALA A 257 -4.03 -15.37 -14.22
N ILE A 258 -2.83 -15.26 -13.69
CA ILE A 258 -1.96 -16.42 -13.56
C ILE A 258 -2.67 -17.52 -12.84
N MET A 259 -3.25 -17.22 -11.69
CA MET A 259 -3.92 -18.28 -10.89
C MET A 259 -5.19 -18.84 -11.49
N ALA A 260 -5.71 -18.25 -12.55
CA ALA A 260 -7.01 -18.67 -13.10
C ALA A 260 -8.04 -18.56 -12.02
N ALA A 261 -8.05 -17.40 -11.39
CA ALA A 261 -9.04 -17.06 -10.44
C ALA A 261 -10.17 -16.40 -11.22
N PRO A 262 -11.42 -16.57 -10.73
CA PRO A 262 -12.57 -15.80 -11.14
C PRO A 262 -12.26 -14.33 -10.94
N LEU A 263 -12.94 -13.45 -11.65
CA LEU A 263 -12.70 -12.05 -11.40
C LEU A 263 -13.94 -11.36 -10.81
N PHE A 264 -13.92 -11.22 -9.50
CA PHE A 264 -14.96 -10.48 -8.81
C PHE A 264 -14.56 -9.09 -8.21
N MET A 265 -14.91 -8.01 -8.91
CA MET A 265 -14.55 -6.69 -8.47
C MET A 265 -15.47 -6.42 -7.33
N SER A 266 -14.90 -5.85 -6.29
CA SER A 266 -15.62 -5.30 -5.18
C SER A 266 -15.13 -3.87 -5.02
N ASN A 267 -15.87 -2.94 -5.59
CA ASN A 267 -15.50 -1.54 -5.47
C ASN A 267 -16.67 -0.62 -5.77
N ASP A 268 -16.54 0.66 -5.45
CA ASP A 268 -17.50 1.60 -5.97
C ASP A 268 -17.13 1.99 -7.38
N LEU A 269 -17.93 1.46 -8.30
CA LEU A 269 -17.79 1.69 -9.73
C LEU A 269 -17.99 3.14 -10.08
N ARG A 270 -18.64 3.89 -9.19
CA ARG A 270 -19.04 5.29 -9.44
C ARG A 270 -17.92 6.25 -9.20
N HIS A 271 -16.83 5.79 -8.60
CA HIS A 271 -15.70 6.63 -8.29
C HIS A 271 -14.50 5.74 -8.43
N ILE A 272 -13.88 5.75 -9.61
CA ILE A 272 -12.73 4.91 -9.86
C ILE A 272 -11.78 5.60 -10.82
N SER A 273 -10.49 5.49 -10.52
CA SER A 273 -9.47 6.19 -11.30
C SER A 273 -9.42 5.63 -12.71
N PRO A 274 -9.18 6.49 -13.69
CA PRO A 274 -8.72 6.02 -15.00
C PRO A 274 -7.68 4.89 -14.88
N GLN A 275 -6.60 5.12 -14.12
CA GLN A 275 -5.65 4.06 -13.68
C GLN A 275 -6.29 2.70 -13.67
N ALA A 276 -7.25 2.59 -12.75
CA ALA A 276 -7.72 1.33 -12.28
C ALA A 276 -8.70 0.79 -13.25
N LYS A 277 -9.54 1.66 -13.79
CA LYS A 277 -10.49 1.23 -14.81
C LYS A 277 -9.76 0.53 -15.99
N ALA A 278 -8.82 1.23 -16.63
CA ALA A 278 -7.92 0.65 -17.62
C ALA A 278 -7.24 -0.63 -17.17
N LEU A 279 -6.72 -0.67 -15.94
CA LEU A 279 -6.11 -1.92 -15.47
C LEU A 279 -7.14 -3.05 -15.35
N LEU A 280 -8.20 -2.83 -14.58
CA LEU A 280 -9.30 -3.79 -14.57
C LEU A 280 -9.89 -4.21 -15.93
N GLN A 281 -9.82 -3.34 -16.93
CA GLN A 281 -10.40 -3.66 -18.23
C GLN A 281 -9.34 -3.98 -19.27
N ASP A 282 -8.20 -4.54 -18.83
CA ASP A 282 -7.09 -4.80 -19.76
C ASP A 282 -7.41 -5.99 -20.64
N LYS A 283 -7.59 -5.77 -21.94
CA LYS A 283 -7.93 -6.89 -22.84
C LYS A 283 -6.95 -8.05 -22.72
N ASP A 284 -5.74 -7.86 -23.23
CA ASP A 284 -4.69 -8.84 -23.04
C ASP A 284 -4.77 -9.54 -21.63
N VAL A 285 -4.76 -8.80 -20.55
CA VAL A 285 -4.69 -9.51 -19.29
C VAL A 285 -5.96 -10.35 -18.94
N ILE A 286 -7.13 -9.92 -19.40
CA ILE A 286 -8.32 -10.69 -19.19
C ILE A 286 -8.15 -11.96 -20.00
N ALA A 287 -7.90 -11.85 -21.29
CA ALA A 287 -7.48 -13.02 -22.07
C ALA A 287 -6.73 -14.04 -21.23
N ILE A 288 -5.57 -13.69 -20.67
CA ILE A 288 -4.78 -14.67 -19.94
C ILE A 288 -5.57 -15.32 -18.78
N ASN A 289 -6.28 -14.55 -18.00
CA ASN A 289 -7.16 -15.17 -17.04
C ASN A 289 -8.21 -16.05 -17.68
N GLN A 290 -8.58 -15.71 -18.92
CA GLN A 290 -9.75 -16.30 -19.60
C GLN A 290 -9.41 -17.43 -20.60
N ASP A 291 -8.16 -17.87 -20.58
CA ASP A 291 -7.64 -18.75 -21.64
C ASP A 291 -8.50 -20.00 -21.70
N PRO A 292 -8.85 -20.46 -22.92
CA PRO A 292 -9.86 -21.52 -22.99
C PRO A 292 -9.33 -22.85 -22.48
N LEU A 293 -8.01 -23.06 -22.57
CA LEU A 293 -7.36 -24.27 -22.05
C LEU A 293 -7.70 -24.48 -20.59
N GLY A 294 -7.54 -23.45 -19.78
CA GLY A 294 -7.96 -23.49 -18.39
C GLY A 294 -7.10 -24.24 -17.40
N LYS A 295 -5.78 -24.21 -17.60
CA LYS A 295 -4.88 -24.82 -16.63
C LYS A 295 -4.46 -23.71 -15.69
N GLN A 296 -4.52 -23.98 -14.38
CA GLN A 296 -4.04 -23.01 -13.39
C GLN A 296 -2.49 -22.84 -13.46
N GLY A 297 -1.99 -21.65 -13.10
CA GLY A 297 -0.54 -21.39 -13.07
C GLY A 297 0.04 -21.92 -11.77
N TYR A 298 1.29 -21.58 -11.48
CA TYR A 298 1.88 -22.02 -10.24
C TYR A 298 3.18 -21.29 -9.99
N GLN A 299 3.81 -21.54 -8.84
CA GLN A 299 5.01 -20.84 -8.53
C GLN A 299 6.21 -21.62 -9.02
N LEU A 300 6.90 -21.13 -10.05
CA LEU A 300 7.99 -21.89 -10.61
C LEU A 300 9.20 -21.90 -9.71
N ARG A 301 9.42 -20.82 -9.01
CA ARG A 301 10.72 -20.56 -8.37
C ARG A 301 10.44 -19.46 -7.35
N GLN A 302 11.37 -19.34 -6.40
CA GLN A 302 11.28 -18.33 -5.36
C GLN A 302 12.61 -18.22 -4.61
N GLY A 303 12.82 -17.07 -3.98
CA GLY A 303 14.09 -16.78 -3.34
C GLY A 303 14.65 -15.47 -3.86
N ASP A 304 15.43 -14.84 -3.00
CA ASP A 304 16.03 -13.54 -3.27
C ASP A 304 14.99 -12.41 -3.24
N ASN A 305 13.99 -12.55 -2.36
CA ASN A 305 12.79 -11.71 -2.36
C ASN A 305 12.22 -11.46 -3.78
N PHE A 306 12.30 -12.47 -4.66
CA PHE A 306 11.72 -12.47 -6.00
C PHE A 306 10.96 -13.74 -6.16
N GLU A 307 9.92 -13.73 -6.99
CA GLU A 307 8.99 -14.83 -7.12
C GLU A 307 8.67 -15.04 -8.58
N VAL A 308 8.82 -16.28 -9.06
CA VAL A 308 8.40 -16.58 -10.43
C VAL A 308 7.23 -17.50 -10.54
N TRP A 309 6.17 -16.95 -11.13
CA TRP A 309 4.97 -17.69 -11.45
C TRP A 309 4.92 -17.87 -12.94
N GLU A 310 4.18 -18.90 -13.33
CA GLU A 310 3.90 -19.16 -14.75
C GLU A 310 2.60 -19.96 -14.95
N ARG A 311 1.88 -19.64 -16.02
CA ARG A 311 0.70 -20.37 -16.41
C ARG A 311 0.79 -20.82 -17.90
N PRO A 312 0.44 -22.08 -18.20
CA PRO A 312 0.39 -22.49 -19.61
C PRO A 312 -0.94 -22.15 -20.29
N LEU A 313 -0.85 -21.58 -21.49
CA LEU A 313 -2.05 -21.16 -22.21
C LEU A 313 -2.13 -22.00 -23.44
N SER A 314 -3.29 -22.13 -24.06
CA SER A 314 -3.39 -22.89 -25.32
C SER A 314 -2.51 -22.35 -26.48
N GLY A 315 -2.15 -23.22 -27.43
CA GLY A 315 -1.44 -22.78 -28.62
C GLY A 315 0.06 -22.60 -28.44
N LEU A 316 0.64 -23.28 -27.44
CA LEU A 316 2.10 -23.19 -27.13
C LEU A 316 2.52 -21.88 -26.44
N ALA A 317 1.50 -21.14 -26.01
CA ALA A 317 1.63 -19.92 -25.23
C ALA A 317 1.79 -20.23 -23.76
N TRP A 318 2.37 -19.26 -23.04
CA TRP A 318 2.57 -19.34 -21.60
C TRP A 318 2.61 -17.90 -21.09
N ALA A 319 2.13 -17.71 -19.85
CA ALA A 319 2.27 -16.45 -19.09
C ALA A 319 3.35 -16.58 -18.01
N VAL A 320 4.22 -15.57 -17.93
CA VAL A 320 5.17 -15.51 -16.83
C VAL A 320 5.02 -14.21 -16.08
N ALA A 321 4.76 -14.36 -14.79
CA ALA A 321 4.67 -13.27 -13.85
C ALA A 321 5.90 -13.38 -12.97
N MET A 322 6.66 -12.29 -12.89
CA MET A 322 7.70 -12.17 -11.90
C MET A 322 7.41 -11.03 -10.93
N ILE A 323 7.23 -11.38 -9.64
CA ILE A 323 7.02 -10.49 -8.50
C ILE A 323 8.30 -10.15 -7.75
N ASN A 324 8.39 -8.92 -7.24
CA ASN A 324 9.54 -8.46 -6.46
C ASN A 324 9.12 -8.05 -5.05
N ARG A 325 9.46 -8.88 -4.07
CA ARG A 325 8.87 -8.83 -2.72
C ARG A 325 9.69 -7.96 -1.75
N GLN A 326 10.82 -7.42 -2.24
CA GLN A 326 11.64 -6.50 -1.45
C GLN A 326 10.94 -5.15 -1.31
N GLU A 327 10.52 -4.80 -0.10
CA GLU A 327 9.89 -3.49 0.12
C GLU A 327 10.90 -2.47 0.59
N ILE A 328 11.81 -2.07 -0.31
CA ILE A 328 12.84 -1.09 0.04
C ILE A 328 13.67 -0.84 -1.22
N GLY A 329 14.46 0.23 -1.25
CA GLY A 329 15.21 0.55 -2.45
C GLY A 329 14.35 0.74 -3.70
N GLY A 330 14.91 0.39 -4.86
CA GLY A 330 14.27 0.66 -6.14
C GLY A 330 14.05 -0.59 -6.97
N PRO A 331 13.71 -0.41 -8.28
CA PRO A 331 13.69 -1.47 -9.30
C PRO A 331 14.89 -2.40 -9.15
N ARG A 332 14.60 -3.68 -9.00
CA ARG A 332 15.63 -4.70 -8.90
C ARG A 332 15.75 -5.47 -10.23
N SER A 333 16.96 -5.87 -10.60
CA SER A 333 17.11 -6.67 -11.81
C SER A 333 16.89 -8.15 -11.43
N TYR A 334 16.16 -8.89 -12.25
CA TYR A 334 15.99 -10.33 -12.06
C TYR A 334 15.94 -11.05 -13.37
N THR A 335 16.70 -12.14 -13.48
CA THR A 335 16.85 -12.74 -14.79
C THR A 335 16.80 -14.25 -14.70
N ILE A 336 16.29 -14.89 -15.75
CA ILE A 336 16.52 -16.30 -15.95
C ILE A 336 16.58 -16.66 -17.40
N ALA A 337 17.09 -17.88 -17.64
CA ALA A 337 17.20 -18.45 -18.98
C ALA A 337 15.84 -18.95 -19.35
N VAL A 338 15.36 -18.54 -20.52
CA VAL A 338 14.09 -18.98 -21.10
C VAL A 338 14.02 -20.51 -21.28
N ALA A 339 15.20 -21.13 -21.23
CA ALA A 339 15.31 -22.59 -21.11
C ALA A 339 14.52 -23.15 -19.89
N SER A 340 14.33 -22.34 -18.85
CA SER A 340 13.65 -22.77 -17.62
C SER A 340 12.16 -22.44 -17.68
N LEU A 341 11.79 -21.67 -18.70
CA LEU A 341 10.44 -21.21 -18.80
C LEU A 341 9.49 -22.16 -19.48
N GLY A 342 8.35 -22.39 -18.80
CA GLY A 342 7.27 -23.19 -19.36
C GLY A 342 7.75 -24.62 -19.56
N LYS A 343 8.42 -25.11 -18.53
CA LYS A 343 8.92 -26.46 -18.54
C LYS A 343 9.90 -26.72 -19.68
N GLY A 344 10.19 -25.72 -20.49
CA GLY A 344 11.16 -25.93 -21.55
C GLY A 344 10.52 -25.97 -22.93
N VAL A 345 9.21 -25.78 -22.99
CA VAL A 345 8.58 -25.82 -24.31
C VAL A 345 8.55 -24.47 -24.99
N ALA A 346 7.89 -23.47 -24.35
CA ALA A 346 7.87 -22.13 -24.94
C ALA A 346 9.33 -21.71 -25.06
N CYS A 347 9.74 -21.29 -26.25
CA CYS A 347 11.13 -20.86 -26.43
C CYS A 347 12.10 -21.94 -26.95
N ASN A 348 11.57 -23.13 -27.28
CA ASN A 348 12.25 -24.13 -28.12
C ASN A 348 11.51 -24.20 -29.44
N PRO A 349 12.16 -23.74 -30.54
CA PRO A 349 13.56 -23.28 -30.63
C PRO A 349 13.75 -21.82 -30.20
N ALA A 350 12.62 -21.14 -29.98
CA ALA A 350 12.55 -19.70 -29.73
C ALA A 350 11.10 -19.27 -29.48
N CYS A 351 10.95 -18.07 -28.91
CA CYS A 351 9.66 -17.52 -28.60
C CYS A 351 9.62 -16.02 -28.87
N PHE A 352 8.42 -15.49 -29.12
CA PHE A 352 8.17 -14.06 -29.03
C PHE A 352 7.57 -13.65 -27.70
N ILE A 353 8.30 -12.77 -27.01
CA ILE A 353 7.91 -12.30 -25.69
C ILE A 353 7.48 -10.86 -25.74
N THR A 354 6.21 -10.60 -25.46
CA THR A 354 5.75 -9.24 -25.33
C THR A 354 5.29 -9.06 -23.90
N GLN A 355 5.68 -7.93 -23.29
CA GLN A 355 5.30 -7.56 -21.94
C GLN A 355 3.91 -6.94 -21.90
N LEU A 356 3.12 -7.36 -20.89
CA LEU A 356 1.75 -6.86 -20.69
C LEU A 356 1.61 -5.85 -19.54
N LEU A 357 2.34 -6.13 -18.46
CA LEU A 357 2.29 -5.34 -17.25
C LEU A 357 3.70 -5.23 -16.69
N PRO A 358 4.05 -4.08 -16.11
CA PRO A 358 3.22 -2.90 -15.84
C PRO A 358 2.78 -2.10 -17.06
N VAL A 359 3.60 -2.10 -18.12
CA VAL A 359 3.18 -1.45 -19.42
C VAL A 359 3.33 -2.35 -20.62
N LYS A 360 2.40 -2.26 -21.53
CA LYS A 360 2.39 -3.16 -22.67
C LYS A 360 3.52 -2.78 -23.65
N ARG A 361 4.45 -3.72 -23.83
CA ARG A 361 5.65 -3.52 -24.62
C ARG A 361 6.21 -4.85 -25.21
N LYS A 362 6.33 -4.88 -26.55
CA LYS A 362 7.02 -5.95 -27.30
C LYS A 362 8.46 -5.98 -26.83
N LEU A 363 9.03 -7.17 -26.71
CA LEU A 363 10.47 -7.33 -26.51
C LEU A 363 10.80 -8.27 -27.65
N GLY A 364 12.04 -8.30 -28.13
CA GLY A 364 12.35 -9.06 -29.35
C GLY A 364 11.98 -10.56 -29.41
N PHE A 365 12.75 -11.28 -30.23
CA PHE A 365 12.69 -12.75 -30.24
C PHE A 365 13.61 -13.30 -29.16
N TYR A 366 13.45 -14.58 -28.84
CA TYR A 366 14.18 -15.15 -27.73
C TYR A 366 14.50 -16.62 -28.00
N GLU A 367 15.61 -16.86 -28.72
CA GLU A 367 16.23 -18.17 -28.87
C GLU A 367 16.23 -19.03 -27.63
N TRP A 368 16.27 -20.34 -27.83
CA TRP A 368 16.46 -21.25 -26.72
C TRP A 368 17.57 -20.82 -25.74
N THR A 369 18.74 -20.53 -26.27
CA THR A 369 19.95 -20.19 -25.53
C THR A 369 19.91 -18.90 -24.69
N SER A 370 18.95 -18.00 -24.98
CA SER A 370 18.92 -16.65 -24.37
C SER A 370 18.24 -16.56 -23.00
N ARG A 371 18.64 -15.54 -22.23
CA ARG A 371 18.08 -15.26 -20.90
C ARG A 371 17.25 -13.98 -20.98
N LEU A 372 16.20 -13.94 -20.17
CA LEU A 372 15.40 -12.77 -20.11
C LEU A 372 15.81 -11.91 -18.90
N ARG A 373 16.13 -10.65 -19.20
CA ARG A 373 16.57 -9.65 -18.21
C ARG A 373 15.37 -8.83 -17.79
N SER A 374 15.41 -8.32 -16.57
CA SER A 374 14.27 -7.49 -16.18
C SER A 374 14.36 -6.72 -14.84
N HIS A 375 13.85 -5.49 -14.86
CA HIS A 375 13.81 -4.61 -13.69
C HIS A 375 12.39 -4.54 -13.14
N ILE A 376 12.14 -5.27 -12.04
CA ILE A 376 10.81 -5.30 -11.42
C ILE A 376 10.74 -4.32 -10.22
N ASN A 377 9.61 -3.59 -10.15
CA ASN A 377 9.33 -2.59 -9.09
C ASN A 377 9.04 -3.21 -7.74
N PRO A 378 9.50 -2.63 -6.63
CA PRO A 378 9.21 -3.15 -5.30
C PRO A 378 7.71 -3.41 -5.05
N THR A 379 7.34 -4.64 -4.82
CA THR A 379 5.91 -5.01 -4.64
C THR A 379 5.09 -4.98 -5.92
N GLY A 380 5.75 -4.72 -7.03
CA GLY A 380 5.14 -4.82 -8.34
C GLY A 380 5.29 -6.25 -8.88
N THR A 381 4.76 -6.46 -10.09
CA THR A 381 4.90 -7.64 -10.89
C THR A 381 5.09 -7.24 -12.39
N VAL A 382 5.92 -8.02 -13.09
CA VAL A 382 6.15 -7.87 -14.51
C VAL A 382 5.52 -9.08 -15.17
N LEU A 383 4.76 -8.88 -16.23
CA LEU A 383 3.93 -9.95 -16.69
C LEU A 383 4.05 -10.04 -18.15
N LEU A 384 4.54 -11.21 -18.57
CA LEU A 384 5.05 -11.44 -19.92
C LEU A 384 4.18 -12.44 -20.60
N GLN A 385 4.19 -12.46 -21.92
CA GLN A 385 3.53 -13.52 -22.70
C GLN A 385 4.47 -14.10 -23.77
N LEU A 386 4.65 -15.41 -23.70
CA LEU A 386 5.64 -16.08 -24.50
C LEU A 386 4.90 -16.88 -25.53
N GLU A 387 5.27 -16.67 -26.79
CA GLU A 387 4.66 -17.32 -27.94
C GLU A 387 5.75 -18.17 -28.52
N ASN A 388 5.62 -19.48 -28.59
CA ASN A 388 6.78 -20.26 -29.07
C ASN A 388 6.80 -20.38 -30.59
N THR A 389 8.00 -20.41 -31.20
CA THR A 389 8.16 -19.92 -32.59
C THR A 389 7.06 -19.97 -33.64
N MET A 390 6.60 -21.08 -34.27
CA MET A 390 7.11 -22.48 -34.37
C MET A 390 5.94 -23.38 -34.78
N LEU B 1 20.09 22.14 19.64
CA LEU B 1 21.46 22.66 19.44
C LEU B 1 21.39 24.14 19.11
N ASP B 2 21.86 24.94 20.05
CA ASP B 2 21.97 26.39 19.91
C ASP B 2 22.98 26.83 18.81
N ASN B 3 22.74 26.48 17.53
CA ASN B 3 23.70 26.86 16.49
C ASN B 3 23.22 27.84 15.43
N GLY B 4 22.03 28.41 15.61
CA GLY B 4 21.46 29.27 14.58
C GLY B 4 20.71 28.54 13.48
N LEU B 5 20.84 27.21 13.44
CA LEU B 5 20.38 26.31 12.33
C LEU B 5 19.14 25.44 12.65
N ALA B 6 18.43 25.01 11.61
CA ALA B 6 17.21 24.26 11.79
C ALA B 6 16.30 25.05 12.70
N ARG B 7 16.10 26.31 12.37
CA ARG B 7 15.16 27.08 13.14
C ARG B 7 13.73 26.58 12.91
N THR B 8 13.44 26.14 11.69
CA THR B 8 12.31 25.26 11.39
C THR B 8 12.95 23.96 10.91
N PRO B 9 12.16 22.87 10.79
CA PRO B 9 12.71 21.55 10.46
C PRO B 9 13.33 21.44 9.05
N THR B 10 14.56 20.91 8.98
CA THR B 10 15.35 20.85 7.76
C THR B 10 14.56 20.18 6.66
N MET B 11 14.61 20.75 5.46
CA MET B 11 14.08 20.10 4.28
C MET B 11 15.14 19.91 3.18
N GLY B 12 15.04 18.77 2.48
CA GLY B 12 16.02 18.32 1.51
C GLY B 12 15.74 16.88 1.14
N TRP B 13 16.76 16.17 0.64
CA TRP B 13 16.60 14.84 0.05
C TRP B 13 17.80 13.92 0.42
N LEU B 14 17.58 12.60 0.43
CA LEU B 14 18.52 11.67 0.98
C LEU B 14 18.47 10.31 0.26
N HIS B 15 19.62 9.84 -0.18
CA HIS B 15 19.62 8.71 -1.07
C HIS B 15 19.11 7.44 -0.45
N TRP B 16 19.16 7.30 0.87
CA TRP B 16 19.19 5.95 1.40
C TRP B 16 18.07 5.02 1.07
N GLU B 17 16.84 5.36 1.45
CA GLU B 17 15.74 4.40 1.37
C GLU B 17 15.51 4.03 -0.06
N ARG B 18 15.64 4.97 -0.99
CA ARG B 18 15.50 4.57 -2.39
C ARG B 18 16.75 3.98 -2.99
N PHE B 19 17.92 4.52 -2.72
CA PHE B 19 19.07 4.00 -3.45
C PHE B 19 19.99 3.07 -2.69
N MET B 20 19.74 2.95 -1.40
CA MET B 20 20.50 2.07 -0.53
C MET B 20 21.96 1.96 -0.92
N CYS B 21 22.57 0.81 -0.67
CA CYS B 21 24.02 0.71 -0.83
C CYS B 21 24.41 0.03 -2.14
N ASN B 22 23.78 0.46 -3.21
CA ASN B 22 24.11 -0.06 -4.51
C ASN B 22 25.44 0.50 -5.08
N LEU B 23 26.48 -0.33 -5.12
CA LEU B 23 27.79 0.12 -5.55
C LEU B 23 28.23 -0.56 -6.87
N ASP B 24 27.28 -1.19 -7.56
CA ASP B 24 27.55 -1.84 -8.83
C ASP B 24 27.21 -0.88 -9.96
N CYS B 25 28.23 -0.15 -10.43
CA CYS B 25 28.03 0.86 -11.44
C CYS B 25 28.03 0.27 -12.80
N GLN B 26 28.51 -0.95 -12.86
CA GLN B 26 28.59 -1.70 -14.09
C GLN B 26 27.20 -2.02 -14.66
N GLU B 27 26.37 -2.72 -13.89
CA GLU B 27 25.11 -3.26 -14.41
C GLU B 27 23.92 -2.37 -14.03
N GLU B 28 24.07 -1.63 -12.94
CA GLU B 28 23.02 -0.75 -12.50
C GLU B 28 23.64 0.61 -12.35
N PRO B 29 23.88 1.30 -13.48
CA PRO B 29 24.49 2.63 -13.46
C PRO B 29 23.52 3.73 -12.99
N ASP B 30 22.27 3.63 -13.43
CA ASP B 30 21.27 4.58 -13.06
C ASP B 30 20.87 4.51 -11.63
N SER B 31 21.48 3.68 -10.80
CA SER B 31 21.18 3.78 -9.36
C SER B 31 22.35 3.53 -8.45
N CYS B 32 23.54 3.40 -9.00
CA CYS B 32 24.67 3.31 -8.09
C CYS B 32 24.94 4.70 -7.51
N ILE B 33 25.38 4.72 -6.26
CA ILE B 33 25.81 5.94 -5.62
C ILE B 33 27.04 6.50 -6.34
N SER B 34 26.80 7.37 -7.32
CA SER B 34 27.86 8.02 -8.08
C SER B 34 27.65 9.50 -7.92
N GLU B 35 28.69 10.32 -8.14
CA GLU B 35 28.49 11.75 -8.11
C GLU B 35 27.37 12.13 -9.07
N LYS B 36 27.39 11.62 -10.30
CA LYS B 36 26.36 11.90 -11.29
C LYS B 36 24.93 11.76 -10.71
N LEU B 37 24.77 10.91 -9.72
CA LEU B 37 23.46 10.69 -9.17
C LEU B 37 23.01 11.99 -8.51
N PHE B 38 23.87 12.51 -7.66
CA PHE B 38 23.62 13.75 -6.95
C PHE B 38 23.69 14.91 -7.92
N MET B 39 24.57 14.82 -8.89
CA MET B 39 24.60 15.81 -9.94
C MET B 39 23.20 15.92 -10.54
N GLU B 40 22.59 14.76 -10.76
CA GLU B 40 21.32 14.81 -11.41
C GLU B 40 20.21 15.17 -10.41
N MET B 41 20.16 14.52 -9.24
CA MET B 41 19.17 14.97 -8.30
C MET B 41 19.25 16.49 -8.09
N ALA B 42 20.45 17.02 -7.86
CA ALA B 42 20.56 18.43 -7.58
C ALA B 42 19.92 19.17 -8.78
N GLU B 43 20.52 19.03 -9.97
CA GLU B 43 19.99 19.59 -11.21
C GLU B 43 18.45 19.66 -11.28
N LEU B 44 17.80 18.60 -10.82
CA LEU B 44 16.35 18.53 -10.86
C LEU B 44 15.70 19.41 -9.83
N MET B 45 16.03 19.19 -8.55
CA MET B 45 15.47 19.93 -7.41
C MET B 45 15.17 21.35 -7.76
N VAL B 46 16.13 21.94 -8.50
CA VAL B 46 16.06 23.28 -9.03
C VAL B 46 14.93 23.40 -10.05
N SER B 47 14.97 22.60 -11.12
CA SER B 47 14.12 22.83 -12.30
C SER B 47 12.65 22.43 -12.10
N GLU B 48 12.41 21.52 -11.15
CA GLU B 48 11.09 20.93 -10.89
C GLU B 48 10.34 21.60 -9.73
N GLY B 49 10.94 22.66 -9.21
CA GLY B 49 10.34 23.49 -8.17
C GLY B 49 10.57 22.93 -6.77
N TRP B 50 11.47 21.94 -6.62
CA TRP B 50 11.75 21.42 -5.26
C TRP B 50 12.39 22.48 -4.36
N LYS B 51 13.16 23.41 -4.94
CA LYS B 51 13.77 24.46 -4.13
C LYS B 51 12.68 25.43 -3.66
N ASP B 52 11.99 26.07 -4.58
CA ASP B 52 10.85 26.91 -4.23
C ASP B 52 9.96 26.24 -3.20
N ALA B 53 9.66 24.96 -3.34
CA ALA B 53 8.90 24.31 -2.28
C ALA B 53 9.56 24.48 -0.89
N GLY B 54 10.91 24.45 -0.87
CA GLY B 54 11.73 24.60 0.33
C GLY B 54 12.62 23.43 0.71
N TYR B 55 12.93 22.55 -0.24
CA TYR B 55 13.90 21.45 -0.04
C TYR B 55 15.25 21.99 -0.51
N GLU B 56 16.27 21.88 0.32
CA GLU B 56 17.45 22.67 0.19
C GLU B 56 18.70 21.84 0.41
N TYR B 57 18.56 20.72 1.10
CA TYR B 57 19.70 19.90 1.43
C TYR B 57 19.80 18.57 0.65
N LEU B 58 20.67 18.56 -0.35
CA LEU B 58 20.97 17.36 -1.08
C LEU B 58 21.90 16.53 -0.22
N CYS B 59 21.39 15.43 0.28
CA CYS B 59 22.17 14.66 1.25
C CYS B 59 22.63 13.29 0.82
N ILE B 60 23.97 13.18 0.72
CA ILE B 60 24.64 11.89 0.57
C ILE B 60 24.43 11.06 1.84
N ASP B 61 24.22 9.76 1.67
CA ASP B 61 24.15 8.89 2.81
C ASP B 61 25.33 7.92 2.82
N ASP B 62 25.20 6.86 3.61
CA ASP B 62 26.20 5.83 3.74
C ASP B 62 26.59 5.33 2.35
N CYS B 63 27.81 4.79 2.24
CA CYS B 63 28.36 4.18 1.03
C CYS B 63 28.84 5.18 -0.01
N TRP B 64 29.59 6.18 0.45
CA TRP B 64 30.32 7.11 -0.40
C TRP B 64 31.86 7.06 -0.20
N MET B 65 32.32 6.33 0.80
CA MET B 65 33.76 6.27 1.16
C MET B 65 34.70 5.43 0.28
N ALA B 66 35.99 5.70 0.39
CA ALA B 66 36.96 4.71 -0.01
C ALA B 66 37.23 3.73 1.13
N PRO B 67 37.46 2.46 0.79
CA PRO B 67 38.05 1.43 1.62
C PRO B 67 38.79 1.92 2.85
N GLN B 68 39.75 2.81 2.69
CA GLN B 68 40.37 3.47 3.85
C GLN B 68 40.77 4.94 3.61
N ARG B 69 41.48 5.50 4.58
CA ARG B 69 41.79 6.93 4.59
C ARG B 69 43.13 7.20 3.89
N ASP B 70 43.31 8.43 3.38
CA ASP B 70 44.58 8.85 2.77
C ASP B 70 45.68 8.74 3.81
N SER B 71 46.90 9.08 3.45
CA SER B 71 47.95 9.11 4.45
C SER B 71 48.42 10.52 4.78
N GLU B 72 47.44 11.25 5.30
CA GLU B 72 47.47 11.91 6.58
C GLU B 72 46.80 10.81 7.37
N GLY B 73 45.50 11.01 7.45
CA GLY B 73 44.54 10.22 8.13
C GLY B 73 43.12 10.53 7.68
N ARG B 74 42.92 11.12 6.51
CA ARG B 74 41.57 11.62 6.13
C ARG B 74 40.69 10.71 5.26
N LEU B 75 39.40 10.70 5.59
CA LEU B 75 38.37 10.05 4.76
C LEU B 75 38.49 10.50 3.32
N GLN B 76 38.36 9.56 2.39
CA GLN B 76 38.23 9.90 0.99
C GLN B 76 36.90 9.43 0.39
N ALA B 77 36.55 10.04 -0.73
CA ALA B 77 35.45 9.56 -1.55
C ALA B 77 35.89 8.28 -2.28
N ASP B 78 34.98 7.60 -2.99
CA ASP B 78 35.42 6.51 -3.85
C ASP B 78 36.14 7.09 -5.07
N PRO B 79 37.32 6.56 -5.43
CA PRO B 79 37.97 7.11 -6.59
C PRO B 79 37.19 6.82 -7.86
N GLN B 80 36.48 5.70 -7.91
CA GLN B 80 35.73 5.32 -9.11
C GLN B 80 34.37 6.00 -9.20
N ARG B 81 33.57 5.85 -8.15
CA ARG B 81 32.20 6.37 -8.17
C ARG B 81 32.12 7.88 -7.88
N PHE B 82 33.19 8.46 -7.32
CA PHE B 82 33.23 9.87 -7.00
C PHE B 82 34.56 10.49 -7.45
N PRO B 83 34.90 10.33 -8.75
CA PRO B 83 36.26 10.67 -9.20
C PRO B 83 36.64 12.09 -8.87
N HIS B 84 35.69 13.01 -9.03
CA HIS B 84 35.95 14.42 -8.78
C HIS B 84 36.08 14.85 -7.30
N GLY B 85 35.73 13.94 -6.38
CA GLY B 85 35.83 14.21 -4.93
C GLY B 85 34.68 15.07 -4.44
N ILE B 86 34.63 15.30 -3.14
CA ILE B 86 33.49 16.00 -2.52
C ILE B 86 33.71 17.46 -2.74
N ARG B 87 34.97 17.85 -2.67
CA ARG B 87 35.34 19.23 -2.89
C ARG B 87 34.56 19.84 -4.04
N GLN B 88 34.58 19.18 -5.20
CA GLN B 88 33.96 19.73 -6.39
C GLN B 88 32.46 19.57 -6.37
N LEU B 89 32.00 18.47 -5.79
CA LEU B 89 30.59 18.17 -5.77
C LEU B 89 29.96 19.28 -4.98
N ALA B 90 30.61 19.63 -3.87
CA ALA B 90 30.15 20.74 -3.04
C ALA B 90 30.01 21.99 -3.88
N ASN B 91 31.07 22.34 -4.60
CA ASN B 91 31.09 23.55 -5.39
C ASN B 91 29.93 23.60 -6.35
N TYR B 92 29.74 22.50 -7.04
CA TYR B 92 28.71 22.37 -8.02
C TYR B 92 27.37 22.56 -7.34
N VAL B 93 27.08 21.73 -6.35
CA VAL B 93 25.84 21.83 -5.54
C VAL B 93 25.52 23.28 -5.17
N HIS B 94 26.51 23.96 -4.60
CA HIS B 94 26.31 25.28 -4.08
C HIS B 94 25.88 26.15 -5.23
N SER B 95 26.59 26.07 -6.38
CA SER B 95 26.27 26.93 -7.51
C SER B 95 24.79 26.82 -7.87
N LYS B 96 24.22 25.63 -7.72
CA LYS B 96 22.78 25.50 -7.89
C LYS B 96 21.92 26.25 -6.80
N GLY B 97 22.53 26.71 -5.72
CA GLY B 97 21.81 27.43 -4.67
C GLY B 97 21.24 26.41 -3.68
N LEU B 98 21.96 25.29 -3.56
CA LEU B 98 21.58 24.27 -2.61
C LEU B 98 22.66 24.05 -1.61
N LYS B 99 22.30 23.28 -0.58
CA LYS B 99 23.25 22.84 0.42
C LYS B 99 23.46 21.33 0.38
N LEU B 100 24.70 20.89 0.57
CA LEU B 100 25.08 19.48 0.53
C LEU B 100 25.14 18.82 1.90
N GLY B 101 24.53 17.65 2.04
CA GLY B 101 24.69 16.86 3.25
C GLY B 101 25.50 15.59 3.04
N ILE B 102 26.25 15.21 4.07
CA ILE B 102 27.07 14.01 4.05
C ILE B 102 26.78 13.10 5.25
N TYR B 103 27.42 11.94 5.27
CA TYR B 103 27.21 10.88 6.25
C TYR B 103 28.54 10.46 6.90
N ALA B 104 28.50 10.03 8.16
CA ALA B 104 29.60 9.29 8.78
C ALA B 104 29.14 8.59 10.05
N ASP B 105 30.01 7.79 10.66
CA ASP B 105 29.57 6.93 11.77
C ASP B 105 30.37 7.17 13.02
N VAL B 106 29.70 7.08 14.15
CA VAL B 106 30.34 7.25 15.46
C VAL B 106 31.33 6.15 15.77
N GLY B 107 31.22 5.03 15.07
CA GLY B 107 31.84 3.78 15.49
C GLY B 107 33.25 3.58 15.05
N ASN B 108 33.54 2.38 14.56
CA ASN B 108 34.80 2.08 13.88
C ASN B 108 34.56 1.87 12.37
N LYS B 109 33.30 1.63 12.03
CA LYS B 109 32.86 1.38 10.66
C LYS B 109 31.48 2.04 10.46
N THR B 110 31.12 2.42 9.24
CA THR B 110 29.71 2.76 9.01
C THR B 110 28.88 1.48 9.11
N CYS B 111 27.55 1.60 9.10
CA CYS B 111 26.69 0.43 9.09
C CYS B 111 26.95 -0.45 7.90
N ALA B 112 27.55 0.10 6.85
CA ALA B 112 27.99 -0.73 5.72
C ALA B 112 29.35 -1.38 5.96
N GLY B 113 30.22 -0.66 6.65
CA GLY B 113 31.57 -1.16 6.92
C GLY B 113 32.73 -0.29 6.47
N PHE B 114 32.44 0.90 5.94
CA PHE B 114 33.49 1.86 5.61
C PHE B 114 33.94 2.65 6.84
N PRO B 115 35.22 3.06 6.91
CA PRO B 115 35.81 3.64 8.15
C PRO B 115 34.89 4.54 9.01
N GLY B 116 34.90 4.28 10.32
CA GLY B 116 34.13 5.07 11.28
C GLY B 116 34.84 6.37 11.58
N SER B 117 34.31 7.16 12.50
CA SER B 117 34.91 8.44 12.75
C SER B 117 35.71 8.46 14.05
N PHE B 118 35.56 7.40 14.85
CA PHE B 118 36.18 7.28 16.18
C PHE B 118 37.69 7.47 16.19
N GLY B 119 38.16 8.25 17.15
CA GLY B 119 39.56 8.68 17.17
C GLY B 119 39.79 9.82 16.21
N TYR B 120 39.00 9.86 15.15
CA TYR B 120 39.17 10.85 14.07
C TYR B 120 38.12 12.00 14.09
N TYR B 121 37.40 12.14 15.20
CA TYR B 121 36.33 13.14 15.32
C TYR B 121 36.78 14.53 14.91
N ASP B 122 37.88 15.01 15.52
CA ASP B 122 38.46 16.35 15.30
C ASP B 122 38.81 16.58 13.82
N ILE B 123 39.36 15.53 13.22
CA ILE B 123 39.92 15.59 11.87
C ILE B 123 38.82 15.40 10.83
N ASP B 124 37.86 14.54 11.08
CA ASP B 124 36.77 14.41 10.14
C ASP B 124 36.02 15.73 10.02
N ALA B 125 35.54 16.22 11.17
CA ALA B 125 34.86 17.51 11.25
C ALA B 125 35.52 18.59 10.37
N GLN B 126 36.82 18.79 10.56
CA GLN B 126 37.56 19.78 9.78
C GLN B 126 37.60 19.41 8.30
N THR B 127 37.91 18.14 8.04
CA THR B 127 37.93 17.59 6.69
C THR B 127 36.64 17.95 5.94
N PHE B 128 35.50 17.68 6.58
CA PHE B 128 34.21 18.06 6.04
C PHE B 128 34.09 19.56 5.83
N ALA B 129 34.49 20.33 6.85
CA ALA B 129 34.37 21.80 6.80
C ALA B 129 35.22 22.40 5.68
N ASP B 130 36.34 21.75 5.36
CA ASP B 130 37.18 22.17 4.24
C ASP B 130 36.47 21.96 2.90
N TRP B 131 35.64 20.92 2.84
CA TRP B 131 34.94 20.54 1.63
C TRP B 131 33.80 21.49 1.29
N GLY B 132 33.14 21.99 2.32
CA GLY B 132 31.97 22.83 2.14
C GLY B 132 30.70 22.09 2.46
N VAL B 133 30.79 21.09 3.33
CA VAL B 133 29.60 20.36 3.78
C VAL B 133 28.62 21.25 4.58
N ASP B 134 27.33 21.10 4.37
CA ASP B 134 26.38 21.86 5.16
C ASP B 134 25.51 20.97 6.06
N LEU B 135 25.63 19.66 5.94
CA LEU B 135 24.98 18.81 6.93
C LEU B 135 25.80 17.55 7.23
N LEU B 136 25.64 17.02 8.44
CA LEU B 136 26.12 15.68 8.75
C LEU B 136 25.02 14.75 9.29
N LYS B 137 24.88 13.59 8.68
CA LYS B 137 24.16 12.55 9.36
C LYS B 137 25.21 11.74 10.08
N PHE B 138 25.13 11.70 11.37
CA PHE B 138 26.09 10.94 12.13
C PHE B 138 25.45 9.67 12.63
N ASP B 139 25.82 8.55 12.02
CA ASP B 139 25.26 7.24 12.40
C ASP B 139 25.99 6.63 13.60
N GLY B 140 25.37 5.63 14.21
CA GLY B 140 25.91 4.99 15.41
C GLY B 140 25.98 3.48 15.42
N CYS B 141 26.35 2.90 14.28
CA CYS B 141 26.72 1.49 14.23
C CYS B 141 28.07 1.31 14.88
N TYR B 142 28.41 0.07 15.21
CA TYR B 142 29.79 -0.31 15.60
C TYR B 142 30.33 0.42 16.81
N CYS B 143 29.58 0.26 17.89
CA CYS B 143 29.83 0.93 19.14
C CYS B 143 29.85 -0.08 20.31
N ASP B 144 30.92 -0.08 21.12
CA ASP B 144 31.08 -1.05 22.24
C ASP B 144 30.03 -0.81 23.30
N SER B 145 30.18 0.32 23.99
CA SER B 145 29.32 0.66 25.11
C SER B 145 28.66 2.03 24.95
N LEU B 146 27.60 2.23 25.74
CA LEU B 146 26.87 3.47 25.80
C LEU B 146 27.74 4.67 26.05
N GLU B 147 28.82 4.47 26.79
CA GLU B 147 29.71 5.55 27.16
C GLU B 147 30.38 6.12 25.93
N ASN B 148 30.77 5.25 25.01
CA ASN B 148 31.39 5.70 23.76
C ASN B 148 30.42 6.37 22.82
N LEU B 149 29.22 5.82 22.76
CA LEU B 149 28.18 6.39 21.96
C LEU B 149 27.98 7.82 22.40
N ALA B 150 27.79 8.00 23.70
CA ALA B 150 27.49 9.30 24.30
C ALA B 150 28.62 10.30 24.10
N ASP B 151 29.85 9.91 24.47
CA ASP B 151 31.00 10.81 24.35
C ASP B 151 31.28 11.08 22.87
N GLY B 152 31.14 10.03 22.05
CA GLY B 152 31.37 10.17 20.62
C GLY B 152 30.40 11.16 19.99
N TYR B 153 29.11 10.96 20.23
CA TYR B 153 28.10 11.88 19.77
C TYR B 153 28.39 13.32 20.17
N LYS B 154 28.63 13.55 21.45
CA LYS B 154 28.93 14.89 21.99
C LYS B 154 30.19 15.53 21.39
N HIS B 155 31.23 14.72 21.33
CA HIS B 155 32.55 15.16 20.94
C HIS B 155 32.58 15.71 19.52
N MET B 156 31.83 15.04 18.65
CA MET B 156 31.63 15.50 17.28
C MET B 156 30.92 16.86 17.20
N SER B 157 29.86 17.02 17.99
CA SER B 157 29.10 18.26 18.03
C SER B 157 30.04 19.41 18.25
N LEU B 158 30.95 19.26 19.22
CA LEU B 158 31.94 20.30 19.57
C LEU B 158 32.94 20.58 18.45
N ALA B 159 33.33 19.51 17.74
CA ALA B 159 34.35 19.63 16.73
C ALA B 159 33.82 20.37 15.51
N LEU B 160 32.53 20.16 15.23
CA LEU B 160 31.82 20.84 14.16
C LEU B 160 31.66 22.31 14.45
N ASN B 161 31.26 22.64 15.68
CA ASN B 161 31.10 24.04 16.09
C ASN B 161 32.41 24.81 15.96
N ARG B 162 33.49 24.16 16.39
CA ARG B 162 34.82 24.72 16.33
C ARG B 162 35.25 25.05 14.91
N THR B 163 35.00 24.15 13.97
CA THR B 163 35.43 24.37 12.59
C THR B 163 35.21 25.84 12.22
N GLY B 164 34.10 26.38 12.68
CA GLY B 164 33.70 27.73 12.35
C GLY B 164 32.59 27.70 11.33
N ARG B 165 32.19 26.50 10.89
CA ARG B 165 31.20 26.39 9.82
C ARG B 165 29.79 25.95 10.25
N SER B 166 28.79 26.57 9.63
CA SER B 166 27.39 26.25 9.91
C SER B 166 27.08 24.90 9.31
N ILE B 167 27.04 23.88 10.16
CA ILE B 167 26.83 22.53 9.68
C ILE B 167 25.73 21.91 10.50
N VAL B 168 24.61 21.56 9.86
CA VAL B 168 23.48 20.95 10.56
C VAL B 168 23.92 19.58 11.01
N TYR B 169 23.87 19.34 12.30
CA TYR B 169 24.28 18.09 12.83
C TYR B 169 23.03 17.32 13.10
N SER B 170 22.89 16.19 12.42
CA SER B 170 21.78 15.26 12.61
C SER B 170 22.28 13.92 13.13
N CYS B 171 21.75 13.54 14.29
CA CYS B 171 22.24 12.44 15.13
C CYS B 171 21.29 11.27 15.14
N GLU B 172 21.81 10.09 15.44
CA GLU B 172 20.96 8.93 15.66
C GLU B 172 21.09 8.37 17.09
N TRP B 173 21.71 9.18 17.95
CA TRP B 173 21.95 8.89 19.34
C TRP B 173 20.82 8.09 20.03
N PRO B 174 19.56 8.57 19.98
CA PRO B 174 18.60 7.85 20.83
C PRO B 174 18.26 6.45 20.30
N LEU B 175 17.98 6.34 19.00
CA LEU B 175 17.71 5.04 18.39
C LEU B 175 18.63 3.93 18.91
N TYR B 176 19.93 4.21 18.96
CA TYR B 176 20.91 3.22 19.33
C TYR B 176 21.03 3.03 20.83
N MET B 177 20.76 4.10 21.58
CA MET B 177 20.79 4.08 23.03
C MET B 177 19.58 3.30 23.54
N TRP B 178 18.44 3.48 22.84
CA TRP B 178 17.12 2.92 23.21
C TRP B 178 17.11 1.52 23.81
N PRO B 179 17.77 0.57 23.13
CA PRO B 179 17.57 -0.82 23.49
C PRO B 179 18.15 -1.14 24.85
N PHE B 180 18.93 -0.21 25.39
CA PHE B 180 19.64 -0.42 26.64
C PHE B 180 19.06 0.38 27.77
N GLN B 181 18.79 1.65 27.48
CA GLN B 181 18.17 2.55 28.46
C GLN B 181 17.52 3.72 27.76
N LYS B 182 16.46 4.27 28.37
CA LYS B 182 15.84 5.50 27.90
C LYS B 182 16.92 6.55 27.64
N PRO B 183 16.77 7.27 26.54
CA PRO B 183 17.62 8.40 26.21
C PRO B 183 17.22 9.68 26.96
N ASN B 184 18.23 10.49 27.34
CA ASN B 184 18.02 11.82 27.95
C ASN B 184 17.88 12.84 26.84
N TYR B 185 16.64 13.00 26.36
CA TYR B 185 16.28 13.88 25.27
C TYR B 185 16.64 15.33 25.61
N THR B 186 16.35 15.77 26.83
CA THR B 186 16.86 17.06 27.30
C THR B 186 18.33 17.26 26.94
N GLU B 187 19.16 16.28 27.28
CA GLU B 187 20.59 16.32 26.97
C GLU B 187 20.89 16.20 25.49
N ILE B 188 20.19 15.30 24.80
CA ILE B 188 20.41 15.12 23.37
C ILE B 188 20.14 16.42 22.66
N ARG B 189 18.99 17.02 22.97
CA ARG B 189 18.59 18.31 22.43
C ARG B 189 19.70 19.34 22.46
N GLN B 190 20.55 19.24 23.47
CA GLN B 190 21.66 20.15 23.61
C GLN B 190 22.73 20.08 22.52
N TYR B 191 22.87 18.93 21.86
CA TYR B 191 24.01 18.69 20.96
C TYR B 191 23.67 18.44 19.50
N CYS B 192 22.39 18.28 19.19
CA CYS B 192 21.95 17.80 17.89
C CYS B 192 20.84 18.63 17.34
N ASN B 193 20.93 18.99 16.08
CA ASN B 193 19.84 19.70 15.49
C ASN B 193 18.63 18.84 15.42
N HIS B 194 18.76 17.58 15.00
CA HIS B 194 17.66 16.61 15.13
C HIS B 194 18.11 15.17 15.29
N TRP B 195 17.25 14.37 15.93
CA TRP B 195 17.62 13.00 16.34
C TRP B 195 16.69 11.90 15.82
N ARG B 196 17.29 10.81 15.35
CA ARG B 196 16.50 9.70 14.86
C ARG B 196 16.02 8.88 16.03
N ASN B 197 14.72 8.58 16.05
CA ASN B 197 14.09 7.94 17.22
C ASN B 197 13.85 6.43 17.16
N PHE B 198 13.20 6.01 16.07
CA PHE B 198 12.83 4.60 15.80
C PHE B 198 13.58 3.93 14.61
N ALA B 199 13.18 2.68 14.36
CA ALA B 199 13.71 1.80 13.31
C ALA B 199 13.78 2.44 11.94
N ASP B 200 14.55 1.85 11.04
CA ASP B 200 14.47 2.34 9.67
C ASP B 200 13.09 2.26 9.00
N ILE B 201 12.95 3.01 7.94
CA ILE B 201 11.68 3.08 7.25
C ILE B 201 11.78 2.33 5.92
N ASP B 202 10.65 1.73 5.52
CA ASP B 202 10.50 0.90 4.32
C ASP B 202 9.61 1.57 3.34
N ASP B 203 9.23 0.86 2.31
CA ASP B 203 8.24 1.34 1.39
C ASP B 203 6.90 0.65 1.80
N SER B 204 6.56 0.71 3.09
CA SER B 204 5.39 -0.04 3.59
C SER B 204 4.45 0.77 4.49
N TRP B 205 3.18 0.75 4.15
CA TRP B 205 2.16 1.25 5.04
C TRP B 205 2.35 0.58 6.41
N LYS B 206 2.89 -0.63 6.42
CA LYS B 206 3.18 -1.27 7.71
C LYS B 206 4.16 -0.42 8.46
N SER B 207 5.31 -0.13 7.84
CA SER B 207 6.38 0.58 8.52
C SER B 207 5.84 1.92 9.03
N ILE B 208 5.27 2.73 8.14
CA ILE B 208 4.55 3.94 8.59
C ILE B 208 3.68 3.70 9.83
N LYS B 209 2.71 2.82 9.74
CA LYS B 209 1.88 2.60 10.91
C LYS B 209 2.70 2.45 12.18
N SER B 210 3.82 1.72 12.08
CA SER B 210 4.53 1.34 13.29
C SER B 210 5.32 2.52 13.83
N ILE B 211 5.78 3.39 12.95
CA ILE B 211 6.36 4.65 13.38
C ILE B 211 5.34 5.53 14.12
N LEU B 212 4.27 5.96 13.46
CA LEU B 212 3.24 6.72 14.16
C LEU B 212 2.86 6.00 15.42
N ASP B 213 2.43 4.76 15.33
CA ASP B 213 2.05 4.04 16.58
C ASP B 213 3.09 4.07 17.69
N TRP B 214 4.37 3.97 17.37
CA TRP B 214 5.42 3.92 18.40
C TRP B 214 5.65 5.35 18.86
N THR B 215 5.37 6.29 17.97
CA THR B 215 5.68 7.69 18.25
C THR B 215 4.65 8.13 19.21
N SER B 216 3.41 8.09 18.73
CA SER B 216 2.31 8.37 19.59
C SER B 216 2.41 7.62 20.93
N PHE B 217 2.98 6.43 20.96
CA PHE B 217 3.07 5.68 22.21
C PHE B 217 3.83 6.40 23.30
N ASN B 218 5.00 6.94 22.95
CA ASN B 218 5.79 7.62 23.96
C ASN B 218 5.95 9.06 23.65
N GLN B 219 4.81 9.72 23.53
CA GLN B 219 4.80 11.09 23.07
C GLN B 219 5.08 11.92 24.30
N GLU B 220 4.47 11.52 25.42
CA GLU B 220 4.81 12.07 26.74
C GLU B 220 6.30 12.38 26.85
N ARG B 221 7.15 11.46 26.41
CA ARG B 221 8.59 11.65 26.48
C ARG B 221 9.24 12.54 25.40
N ILE B 222 8.64 12.65 24.23
CA ILE B 222 9.33 13.38 23.18
C ILE B 222 8.69 14.67 22.68
N VAL B 223 7.37 14.77 22.64
CA VAL B 223 6.74 15.94 22.03
C VAL B 223 7.26 17.26 22.55
N ASP B 224 7.59 17.30 23.86
CA ASP B 224 7.93 18.56 24.54
C ASP B 224 9.36 19.04 24.30
N VAL B 225 10.27 18.10 24.03
CA VAL B 225 11.65 18.45 23.73
C VAL B 225 11.68 19.23 22.43
N ALA B 226 10.71 18.97 21.59
CA ALA B 226 10.75 19.45 20.23
C ALA B 226 10.45 20.94 20.15
N GLY B 227 11.32 21.65 19.45
CA GLY B 227 11.15 23.06 19.14
C GLY B 227 12.38 23.58 18.40
N PRO B 228 12.27 24.79 17.78
CA PRO B 228 13.35 25.48 17.11
C PRO B 228 14.75 25.01 17.46
N GLY B 229 15.46 24.52 16.44
CA GLY B 229 16.84 24.08 16.60
C GLY B 229 17.02 22.65 17.06
N GLY B 230 15.92 21.97 17.37
CA GLY B 230 16.03 20.55 17.68
C GLY B 230 14.76 19.79 17.42
N TRP B 231 14.84 18.78 16.56
CA TRP B 231 13.64 18.04 16.18
C TRP B 231 13.70 16.55 16.35
N ASN B 232 12.51 15.97 16.56
CA ASN B 232 12.32 14.52 16.52
C ASN B 232 12.28 14.08 15.06
N ASP B 233 13.18 13.15 14.73
CA ASP B 233 13.27 12.56 13.41
C ASP B 233 12.65 11.15 13.32
N PRO B 234 11.48 11.05 12.64
CA PRO B 234 10.74 9.84 12.41
C PRO B 234 11.12 9.20 11.06
N ASP B 235 12.27 9.61 10.51
CA ASP B 235 12.84 9.14 9.21
C ASP B 235 12.12 9.65 7.92
N MET B 236 12.74 9.34 6.79
CA MET B 236 12.45 9.91 5.48
C MET B 236 11.01 9.88 4.88
N LEU B 237 10.72 10.91 4.08
CA LEU B 237 9.55 10.86 3.22
C LEU B 237 9.78 9.88 2.07
N VAL B 238 8.96 8.83 2.06
CA VAL B 238 9.01 7.81 1.01
C VAL B 238 7.93 8.01 -0.07
N ILE B 239 7.22 9.12 -0.04
CA ILE B 239 6.24 9.36 -1.09
C ILE B 239 6.93 9.53 -2.41
N GLY B 240 6.37 8.89 -3.43
CA GLY B 240 6.88 8.95 -4.80
C GLY B 240 7.35 7.62 -5.28
N ASN B 241 7.58 6.75 -4.33
CA ASN B 241 8.05 5.43 -4.63
C ASN B 241 6.88 4.50 -4.92
N PHE B 242 6.91 3.28 -4.40
CA PHE B 242 6.06 2.23 -4.95
C PHE B 242 5.08 1.69 -3.93
N GLY B 243 5.52 1.67 -2.67
CA GLY B 243 4.91 0.86 -1.65
C GLY B 243 3.59 1.33 -1.12
N LEU B 244 3.35 2.64 -1.13
CA LEU B 244 2.16 3.26 -0.56
C LEU B 244 1.12 3.73 -1.60
N SER B 245 -0.15 3.49 -1.29
CA SER B 245 -1.27 3.96 -2.11
C SER B 245 -1.40 5.45 -1.88
N TRP B 246 -2.18 6.13 -2.72
CA TRP B 246 -2.47 7.54 -2.52
C TRP B 246 -2.83 7.92 -1.06
N ASN B 247 -3.92 7.38 -0.54
CA ASN B 247 -4.28 7.72 0.84
C ASN B 247 -3.22 7.44 1.88
N GLN B 248 -2.38 6.44 1.63
CA GLN B 248 -1.23 6.27 2.51
C GLN B 248 -0.11 7.34 2.29
N GLN B 249 0.02 7.85 1.07
CA GLN B 249 0.98 8.92 0.85
C GLN B 249 0.49 10.19 1.52
N VAL B 250 -0.83 10.41 1.59
CA VAL B 250 -1.31 11.63 2.29
C VAL B 250 -1.06 11.45 3.76
N THR B 251 -1.52 10.33 4.27
CA THR B 251 -1.28 10.06 5.66
C THR B 251 0.17 10.39 5.99
N GLN B 252 1.10 10.05 5.10
CA GLN B 252 2.48 10.33 5.47
C GLN B 252 2.76 11.82 5.57
N MET B 253 2.26 12.56 4.60
CA MET B 253 2.56 13.96 4.42
C MET B 253 1.94 14.67 5.55
N ALA B 254 0.65 14.47 5.73
CA ALA B 254 -0.04 15.06 6.89
C ALA B 254 0.72 14.84 8.19
N LEU B 255 0.91 13.60 8.57
CA LEU B 255 1.47 13.41 9.90
C LEU B 255 2.96 13.84 10.07
N TRP B 256 3.68 14.05 8.96
CA TRP B 256 5.04 14.52 9.11
C TRP B 256 5.02 16.00 9.42
N ALA B 257 4.05 16.69 8.84
CA ALA B 257 3.82 18.09 9.11
C ALA B 257 3.28 18.20 10.50
N ILE B 258 2.23 17.44 10.82
CA ILE B 258 1.76 17.42 12.23
C ILE B 258 2.90 17.24 13.20
N MET B 259 3.69 16.19 13.05
CA MET B 259 4.73 15.82 14.00
C MET B 259 5.90 16.77 14.04
N ALA B 260 5.89 17.79 13.18
CA ALA B 260 7.03 18.70 13.11
C ALA B 260 8.26 17.90 12.86
N ALA B 261 8.15 16.95 11.94
CA ALA B 261 9.28 16.23 11.39
C ALA B 261 10.02 17.05 10.29
N PRO B 262 11.35 16.89 10.20
CA PRO B 262 12.12 17.37 9.06
C PRO B 262 11.58 16.65 7.87
N LEU B 263 11.76 17.21 6.69
CA LEU B 263 11.24 16.55 5.51
C LEU B 263 12.36 16.15 4.56
N PHE B 264 12.75 14.89 4.68
CA PHE B 264 13.75 14.34 3.80
C PHE B 264 13.19 13.33 2.76
N MET B 265 13.03 13.80 1.53
CA MET B 265 12.58 12.93 0.45
C MET B 265 13.65 11.91 0.09
N SER B 266 13.23 10.68 -0.07
CA SER B 266 14.15 9.68 -0.51
C SER B 266 13.43 9.05 -1.69
N ASN B 267 13.82 9.43 -2.89
CA ASN B 267 13.14 9.00 -4.11
C ASN B 267 13.88 9.32 -5.37
N ASP B 268 13.59 8.60 -6.43
CA ASP B 268 14.10 9.05 -7.68
C ASP B 268 13.20 10.14 -8.06
N LEU B 269 13.81 11.31 -8.14
CA LEU B 269 13.22 12.56 -8.57
C LEU B 269 12.92 12.55 -10.03
N ARG B 270 13.62 11.68 -10.77
CA ARG B 270 13.64 11.67 -12.26
C ARG B 270 12.45 10.89 -12.82
N HIS B 271 11.72 10.25 -11.91
CA HIS B 271 10.55 9.49 -12.32
C HIS B 271 9.64 9.62 -11.17
N ILE B 272 8.75 10.60 -11.20
CA ILE B 272 7.80 10.80 -10.12
C ILE B 272 6.50 11.28 -10.70
N SER B 273 5.38 10.77 -10.12
CA SER B 273 4.03 11.05 -10.62
C SER B 273 3.65 12.47 -10.31
N PRO B 274 2.96 13.15 -11.26
CA PRO B 274 2.31 14.43 -10.95
C PRO B 274 1.64 14.36 -9.58
N GLN B 275 0.77 13.36 -9.35
CA GLN B 275 0.28 12.96 -8.00
C GLN B 275 1.12 13.47 -6.87
N ALA B 276 2.28 12.86 -6.80
CA ALA B 276 3.13 12.86 -5.65
C ALA B 276 3.89 14.14 -5.62
N LYS B 277 4.43 14.58 -6.78
CA LYS B 277 5.13 15.87 -6.86
C LYS B 277 4.25 16.92 -6.24
N ALA B 278 3.08 17.17 -6.86
CA ALA B 278 2.07 18.09 -6.30
C ALA B 278 1.78 17.85 -4.82
N LEU B 279 1.73 16.61 -4.37
CA LEU B 279 1.61 16.38 -2.92
C LEU B 279 2.84 16.83 -2.19
N LEU B 280 4.00 16.33 -2.60
CA LEU B 280 5.31 16.72 -2.01
C LEU B 280 5.58 18.23 -1.99
N GLN B 281 4.95 18.93 -2.92
CA GLN B 281 5.16 20.37 -3.08
C GLN B 281 3.92 21.18 -2.67
N ASP B 282 3.17 20.67 -1.69
CA ASP B 282 1.97 21.35 -1.27
C ASP B 282 2.33 22.55 -0.43
N LYS B 283 2.06 23.75 -0.93
CA LYS B 283 2.43 24.96 -0.18
C LYS B 283 1.83 24.91 1.21
N ASP B 284 0.51 24.86 1.32
CA ASP B 284 -0.24 24.89 2.60
C ASP B 284 0.33 23.91 3.58
N VAL B 285 0.53 22.69 3.13
CA VAL B 285 1.03 21.65 4.02
C VAL B 285 2.50 21.83 4.43
N ILE B 286 3.34 22.38 3.56
CA ILE B 286 4.71 22.64 3.96
C ILE B 286 4.71 23.67 5.07
N ALA B 287 4.13 24.86 4.83
CA ALA B 287 3.68 25.77 5.90
C ALA B 287 3.43 25.05 7.27
N ILE B 288 2.47 24.16 7.36
CA ILE B 288 2.15 23.60 8.65
C ILE B 288 3.38 22.91 9.27
N ASN B 289 4.06 22.10 8.46
CA ASN B 289 5.27 21.48 8.91
C ASN B 289 6.24 22.55 9.37
N GLN B 290 6.25 23.68 8.65
CA GLN B 290 7.26 24.75 8.76
C GLN B 290 6.88 25.91 9.67
N ASP B 291 5.79 25.76 10.44
CA ASP B 291 5.21 26.83 11.25
C ASP B 291 6.23 27.45 12.21
N PRO B 292 6.35 28.78 12.25
CA PRO B 292 7.51 29.40 12.98
C PRO B 292 7.49 29.09 14.48
N LEU B 293 6.29 28.91 15.02
CA LEU B 293 6.08 28.63 16.43
C LEU B 293 6.90 27.43 16.86
N GLY B 294 6.83 26.33 16.10
CA GLY B 294 7.65 25.13 16.32
C GLY B 294 7.23 24.19 17.47
N LYS B 295 5.95 24.13 17.75
CA LYS B 295 5.51 23.18 18.73
C LYS B 295 5.10 21.89 18.03
N GLN B 296 5.55 20.74 18.56
CA GLN B 296 5.24 19.44 17.94
C GLN B 296 3.77 19.08 18.19
N GLY B 297 3.16 18.30 17.29
CA GLY B 297 1.77 17.90 17.42
C GLY B 297 1.69 16.69 18.32
N TYR B 298 0.53 16.06 18.41
CA TYR B 298 0.41 14.91 19.25
C TYR B 298 -0.89 14.21 18.98
N GLN B 299 -1.14 13.15 19.73
CA GLN B 299 -2.32 12.37 19.50
C GLN B 299 -3.37 12.70 20.52
N LEU B 300 -4.35 13.46 20.06
CA LEU B 300 -5.39 13.88 20.97
C LEU B 300 -6.21 12.72 21.44
N ARG B 301 -6.66 11.92 20.50
CA ARG B 301 -7.65 10.90 20.78
C ARG B 301 -7.39 9.65 19.95
N GLN B 302 -8.00 8.56 20.33
CA GLN B 302 -7.82 7.30 19.61
C GLN B 302 -8.87 6.24 20.00
N GLY B 303 -9.07 5.27 19.13
CA GLY B 303 -10.08 4.26 19.33
C GLY B 303 -10.98 4.15 18.11
N ASP B 304 -11.73 3.03 18.04
CA ASP B 304 -12.71 2.78 16.97
C ASP B 304 -11.98 2.74 15.60
N ASN B 305 -10.75 2.27 15.64
CA ASN B 305 -9.86 2.34 14.49
C ASN B 305 -9.83 3.71 13.85
N PHE B 306 -9.91 4.78 14.64
CA PHE B 306 -9.75 6.15 14.18
C PHE B 306 -8.69 6.73 15.04
N GLU B 307 -8.02 7.76 14.51
CA GLU B 307 -6.99 8.49 15.24
C GLU B 307 -7.11 9.99 15.05
N VAL B 308 -7.05 10.75 16.16
CA VAL B 308 -6.98 12.23 16.09
C VAL B 308 -5.66 12.84 16.53
N TRP B 309 -5.02 13.48 15.57
CA TRP B 309 -3.85 14.26 15.84
C TRP B 309 -4.21 15.73 15.72
N GLU B 310 -3.39 16.57 16.36
CA GLU B 310 -3.48 18.03 16.24
C GLU B 310 -2.18 18.60 16.65
N ARG B 311 -1.86 19.71 15.97
CA ARG B 311 -0.66 20.57 16.17
C ARG B 311 -1.04 22.06 16.33
N PRO B 312 -0.49 22.76 17.37
CA PRO B 312 -0.75 24.20 17.46
C PRO B 312 0.23 24.97 16.60
N LEU B 313 -0.32 25.91 15.86
CA LEU B 313 0.51 26.79 15.04
C LEU B 313 0.42 28.21 15.60
N SER B 314 1.32 29.10 15.22
CA SER B 314 1.23 30.48 15.66
C SER B 314 -0.02 31.23 15.14
N GLY B 315 -0.46 32.24 15.88
CA GLY B 315 -1.54 33.10 15.44
C GLY B 315 -2.91 32.55 15.81
N LEU B 316 -2.95 31.64 16.77
CA LEU B 316 -4.19 31.01 17.26
C LEU B 316 -4.72 29.96 16.30
N ALA B 317 -3.83 29.55 15.41
CA ALA B 317 -4.10 28.50 14.44
C ALA B 317 -3.81 27.12 15.04
N TRP B 318 -4.44 26.10 14.45
CA TRP B 318 -4.20 24.69 14.82
C TRP B 318 -4.43 23.80 13.63
N ALA B 319 -3.64 22.72 13.55
CA ALA B 319 -3.80 21.66 12.54
C ALA B 319 -4.49 20.44 13.11
N VAL B 320 -5.53 19.97 12.44
CA VAL B 320 -6.09 18.70 12.86
C VAL B 320 -5.94 17.63 11.80
N ALA B 321 -5.32 16.52 12.21
CA ALA B 321 -5.17 15.32 11.41
C ALA B 321 -6.04 14.23 11.95
N MET B 322 -6.93 13.74 11.10
CA MET B 322 -7.75 12.59 11.48
C MET B 322 -7.44 11.38 10.58
N ILE B 323 -6.91 10.32 11.20
CA ILE B 323 -6.59 9.04 10.53
C ILE B 323 -7.71 8.01 10.64
N ASN B 324 -7.82 7.13 9.67
CA ASN B 324 -8.79 6.02 9.67
C ASN B 324 -8.04 4.72 9.49
N ARG B 325 -7.97 3.92 10.54
CA ARG B 325 -7.08 2.74 10.59
C ARG B 325 -7.72 1.40 10.19
N GLN B 326 -9.05 1.38 10.08
CA GLN B 326 -9.80 0.27 9.45
C GLN B 326 -9.37 0.07 7.98
N GLU B 327 -8.77 -1.08 7.68
CA GLU B 327 -8.46 -1.43 6.29
C GLU B 327 -9.51 -2.44 5.79
N ILE B 328 -10.60 -1.93 5.24
CA ILE B 328 -11.74 -2.72 4.78
C ILE B 328 -12.88 -1.76 4.63
N GLY B 329 -13.90 -2.13 3.86
CA GLY B 329 -15.04 -1.29 3.57
C GLY B 329 -14.68 0.02 2.91
N GLY B 330 -15.44 1.05 3.26
CA GLY B 330 -15.41 2.36 2.60
C GLY B 330 -15.05 3.51 3.54
N PRO B 331 -15.11 4.76 3.02
CA PRO B 331 -15.07 5.98 3.79
C PRO B 331 -15.97 5.88 5.01
N ARG B 332 -15.40 6.23 6.16
CA ARG B 332 -16.11 6.12 7.43
C ARG B 332 -16.36 7.53 7.95
N SER B 333 -17.48 7.74 8.63
CA SER B 333 -17.79 9.05 9.16
C SER B 333 -17.19 9.13 10.55
N TYR B 334 -16.56 10.27 10.85
CA TYR B 334 -16.06 10.53 12.18
C TYR B 334 -16.32 11.97 12.50
N THR B 335 -16.76 12.22 13.73
CA THR B 335 -17.20 13.55 14.14
C THR B 335 -16.80 13.88 15.59
N ILE B 336 -16.37 15.12 15.80
CA ILE B 336 -16.23 15.64 17.16
C ILE B 336 -16.59 17.09 17.23
N ALA B 337 -16.95 17.49 18.45
CA ALA B 337 -17.25 18.87 18.78
C ALA B 337 -15.95 19.64 18.80
N VAL B 338 -15.94 20.74 18.05
CA VAL B 338 -14.79 21.63 17.95
C VAL B 338 -14.39 22.16 19.34
N ALA B 339 -15.33 22.03 20.28
CA ALA B 339 -15.07 22.25 21.71
C ALA B 339 -13.88 21.42 22.24
N SER B 340 -13.58 20.30 21.61
CA SER B 340 -12.50 19.44 22.04
C SER B 340 -11.25 19.69 21.26
N LEU B 341 -11.31 20.61 20.31
CA LEU B 341 -10.19 20.86 19.43
C LEU B 341 -9.28 22.03 19.84
N GLY B 342 -7.98 21.78 19.84
CA GLY B 342 -7.02 22.83 20.16
C GLY B 342 -7.13 23.21 21.61
N LYS B 343 -7.30 22.20 22.46
CA LYS B 343 -7.40 22.40 23.90
C LYS B 343 -8.62 23.25 24.24
N GLY B 344 -9.35 23.68 23.21
CA GLY B 344 -10.57 24.47 23.40
C GLY B 344 -10.45 25.90 22.96
N VAL B 345 -9.27 26.28 22.49
CA VAL B 345 -8.98 27.64 22.11
C VAL B 345 -9.44 27.98 20.69
N ALA B 346 -8.84 27.37 19.68
CA ALA B 346 -9.28 27.61 18.31
C ALA B 346 -10.74 27.21 18.36
N CYS B 347 -11.60 28.06 17.81
CA CYS B 347 -13.06 27.87 17.82
C CYS B 347 -13.80 28.43 19.04
N ASN B 348 -13.09 29.16 19.91
CA ASN B 348 -13.73 30.07 20.88
C ASN B 348 -13.43 31.51 20.49
N PRO B 349 -14.47 32.26 20.06
CA PRO B 349 -15.90 31.93 20.00
C PRO B 349 -16.34 31.14 18.74
N ALA B 350 -15.40 31.05 17.80
CA ALA B 350 -15.59 30.47 16.46
C ALA B 350 -14.25 30.37 15.68
N CYS B 351 -14.22 29.48 14.67
CA CYS B 351 -13.02 29.26 13.88
C CYS B 351 -13.38 29.03 12.44
N PHE B 352 -12.44 29.38 11.55
CA PHE B 352 -12.58 29.05 10.14
C PHE B 352 -11.75 27.84 9.76
N ILE B 353 -12.46 26.80 9.32
CA ILE B 353 -11.87 25.49 9.01
C ILE B 353 -11.83 25.23 7.52
N THR B 354 -10.64 25.20 6.96
CA THR B 354 -10.54 24.82 5.58
C THR B 354 -9.78 23.49 5.55
N GLN B 355 -10.17 22.58 4.66
CA GLN B 355 -9.56 21.27 4.51
C GLN B 355 -8.38 21.34 3.53
N LEU B 356 -7.25 20.73 3.88
CA LEU B 356 -6.09 20.80 3.02
C LEU B 356 -5.86 19.49 2.27
N LEU B 357 -6.12 18.39 2.96
CA LEU B 357 -5.94 17.07 2.43
C LEU B 357 -7.16 16.22 2.85
N PRO B 358 -7.53 15.22 2.03
CA PRO B 358 -6.93 14.79 0.79
C PRO B 358 -7.07 15.82 -0.34
N VAL B 359 -8.12 16.65 -0.35
CA VAL B 359 -8.21 17.75 -1.32
C VAL B 359 -8.44 19.10 -0.62
N LYS B 360 -8.05 20.19 -1.29
CA LYS B 360 -8.11 21.55 -0.73
C LYS B 360 -9.54 22.10 -0.79
N ARG B 361 -10.15 22.33 0.36
CA ARG B 361 -11.56 22.76 0.38
C ARG B 361 -11.96 23.57 1.62
N LYS B 362 -12.37 24.83 1.40
CA LYS B 362 -12.98 25.65 2.47
C LYS B 362 -14.22 24.96 2.99
N LEU B 363 -14.38 24.94 4.30
CA LEU B 363 -15.64 24.53 4.92
C LEU B 363 -16.07 25.78 5.68
N GLY B 364 -17.36 25.92 5.97
CA GLY B 364 -17.87 27.19 6.56
C GLY B 364 -17.20 27.73 7.84
N PHE B 365 -17.99 28.47 8.62
CA PHE B 365 -17.55 28.88 9.93
C PHE B 365 -17.93 27.82 10.93
N TYR B 366 -17.46 27.96 12.15
CA TYR B 366 -17.69 26.94 13.11
C TYR B 366 -17.69 27.52 14.51
N GLU B 367 -18.89 27.88 14.97
CA GLU B 367 -19.17 28.24 16.38
C GLU B 367 -18.55 27.30 17.40
N TRP B 368 -18.28 27.82 18.59
CA TRP B 368 -17.86 26.98 19.70
C TRP B 368 -18.79 25.73 19.80
N THR B 369 -20.10 25.97 19.86
CA THR B 369 -21.11 24.90 20.02
C THR B 369 -21.16 23.76 18.96
N SER B 370 -20.53 23.96 17.81
CA SER B 370 -20.74 23.07 16.68
C SER B 370 -19.79 21.90 16.63
N ARG B 371 -20.21 20.85 15.87
CA ARG B 371 -19.45 19.62 15.63
C ARG B 371 -18.98 19.58 14.18
N LEU B 372 -17.80 19.03 13.94
CA LEU B 372 -17.28 18.87 12.59
C LEU B 372 -17.48 17.41 12.17
N ARG B 373 -18.31 17.24 11.14
CA ARG B 373 -18.53 15.96 10.47
C ARG B 373 -17.43 15.61 9.45
N SER B 374 -17.13 14.34 9.29
CA SER B 374 -16.20 14.05 8.22
C SER B 374 -16.16 12.59 7.80
N HIS B 375 -15.89 12.37 6.50
CA HIS B 375 -15.71 11.04 5.89
C HIS B 375 -14.23 10.78 5.53
N ILE B 376 -13.57 9.92 6.30
CA ILE B 376 -12.16 9.60 6.08
C ILE B 376 -12.01 8.22 5.44
N ASN B 377 -11.07 8.15 4.48
CA ASN B 377 -10.74 6.99 3.63
C ASN B 377 -9.92 5.95 4.37
N PRO B 378 -10.19 4.68 4.11
CA PRO B 378 -9.43 3.64 4.77
C PRO B 378 -7.94 3.84 4.61
N THR B 379 -7.22 4.04 5.70
CA THR B 379 -5.76 4.29 5.69
C THR B 379 -5.34 5.66 5.25
N GLY B 380 -6.23 6.46 4.66
CA GLY B 380 -6.01 7.89 4.45
C GLY B 380 -6.11 8.73 5.72
N THR B 381 -6.00 10.05 5.52
CA THR B 381 -6.03 11.09 6.56
C THR B 381 -6.69 12.35 6.02
N VAL B 382 -7.49 12.98 6.86
CA VAL B 382 -8.10 14.26 6.54
C VAL B 382 -7.32 15.32 7.30
N LEU B 383 -6.97 16.40 6.63
CA LEU B 383 -6.13 17.39 7.28
C LEU B 383 -6.77 18.74 7.25
N LEU B 384 -7.13 19.22 8.43
CA LEU B 384 -7.80 20.49 8.58
C LEU B 384 -6.91 21.62 9.12
N GLN B 385 -7.18 22.85 8.70
CA GLN B 385 -6.63 24.00 9.41
C GLN B 385 -7.74 24.81 10.01
N LEU B 386 -7.58 25.10 11.30
CA LEU B 386 -8.54 25.86 12.08
C LEU B 386 -7.93 27.20 12.42
N GLU B 387 -8.67 28.24 12.07
CA GLU B 387 -8.22 29.62 12.17
C GLU B 387 -9.07 30.34 13.13
N ASN B 388 -8.48 31.34 13.79
CA ASN B 388 -9.33 32.16 14.61
C ASN B 388 -10.01 33.35 13.92
N THR B 389 -11.14 33.74 14.52
CA THR B 389 -12.06 34.80 14.08
C THR B 389 -13.32 34.40 14.84
N MET B 390 -13.87 35.22 15.75
CA MET B 390 -14.11 36.68 15.76
C MET B 390 -15.36 37.09 14.94
N GLN B 391 -15.42 36.75 13.63
CA GLN B 391 -16.72 36.66 12.97
C GLN B 391 -17.39 35.42 13.53
#